data_9CTB
#
_entry.id   9CTB
#
_cell.length_a   47.510
_cell.length_b   101.840
_cell.length_c   66.760
_cell.angle_alpha   90.000
_cell.angle_beta   90.750
_cell.angle_gamma   90.000
#
_symmetry.space_group_name_H-M   'P 1 21 1'
#
loop_
_entity.id
_entity.type
_entity.pdbx_description
1 polymer 'Peptidyl-prolyl cis-trans isomerase A'
2 polymer 'Isoform 2B of GTPase KRas'
3 non-polymer 'PHOSPHOAMINOPHOSPHONIC ACID-GUANYLATE ESTER'
4 non-polymer 'MAGNESIUM ION'
5 non-polymer 'CHLORIDE ION'
6 non-polymer '(2R)-2-cyclopentyl-2-{(5S)-7-[(2R)-3-cyclopropyl-2-(methylamino)propanoyl]-2,7-diazaspiro[4.4]nonan-2-yl}-N-[(2S,6R,8S,10R,14S,21M)-21-{5-(4-cyclopropylpiperazin-1-yl)-2-[(1R)-1-methoxyethyl]pyridin-3-yl}-18,18-dimethyl-9,15-dioxo-22-(2,2,2-trifluoroethyl)-5,16-dioxa-2,10,22,28-tetraazapentacyclo[18.5.2.1~2,6~.1~10,14~.0~23,27~]nonacosa-1(25),20,23,26-tetraen-8-yl]acetamide (non-preferred name)'
7 water water
#
loop_
_entity_poly.entity_id
_entity_poly.type
_entity_poly.pdbx_seq_one_letter_code
_entity_poly.pdbx_strand_id
1 'polypeptide(L)'
;SMVNPTVFFDIAVDGEPLGRVSFELFADKVPKTAENFRALSTGEKGFGYKGSCFHRIIPGFMCQGGDFTRHNGTGGKSIY
GEKFEDENFILKHTGPGILSMANAGPNTNGSQFFICTAKTEWLDGKHVVFGKVKEGMNIVEAMERFGSRNGKTSKKITIA
DCGQLE
;
D,C
2 'polypeptide(L)'
;SMTEYKLVVVGADGVGKSALTIQLIQNHFVDEYDPTIEDSYRKQVVIDGETCLLDILDTAGQEEYSAMRDQYMRTGEGFL
CVFAINNTKSFEDIHHYREQIKRVKDSEDVPMVLVGNKCDLPSRTVDTKQAQDLARSYGIPFIETSAKTRQGVDDAFYTL
VREIRKHKEK
;
B,A
#
loop_
_chem_comp.id
_chem_comp.type
_chem_comp.name
_chem_comp.formula
A1AZZ non-polymer '(2R)-2-cyclopentyl-2-{(5S)-7-[(2R)-3-cyclopropyl-2-(methylamino)propanoyl]-2,7-diazaspiro[4.4]nonan-2-yl}-N-[(2S,6R,8S,10R,14S,21M)-21-{5-(4-cyclopropylpiperazin-1-yl)-2-[(1R)-1-methoxyethyl]pyridin-3-yl}-18,18-dimethyl-9,15-dioxo-22-(2,2,2-trifluoroethyl)-5,16-dioxa-2,10,22,28-tetraazapentacyclo[18.5.2.1~2,6~.1~10,14~.0~23,27~]nonacosa-1(25),20,23,26-tetraen-8-yl]acetamide (non-preferred name)' 'C63 H90 F3 N11 O7'
CL non-polymer 'CHLORIDE ION' 'Cl -1'
GNP non-polymer 'PHOSPHOAMINOPHOSPHONIC ACID-GUANYLATE ESTER' 'C10 H17 N6 O13 P3'
MG non-polymer 'MAGNESIUM ION' 'Mg 2'
#
# COMPACT_ATOMS: atom_id res chain seq x y z
N SER A 1 -29.72 -33.35 -4.55
CA SER A 1 -30.08 -33.98 -3.28
C SER A 1 -31.59 -34.11 -3.16
N MET A 2 -32.03 -35.15 -2.49
CA MET A 2 -33.45 -35.32 -2.17
C MET A 2 -33.88 -34.51 -0.95
N VAL A 3 -32.93 -33.99 -0.16
CA VAL A 3 -33.27 -33.30 1.08
C VAL A 3 -32.68 -31.89 1.14
N ASN A 4 -31.50 -31.69 0.55
CA ASN A 4 -30.78 -30.43 0.72
C ASN A 4 -31.04 -29.49 -0.44
N PRO A 5 -31.49 -28.26 -0.18
CA PRO A 5 -31.74 -27.32 -1.27
C PRO A 5 -30.45 -26.94 -1.95
N THR A 6 -30.58 -26.53 -3.21
CA THR A 6 -29.47 -25.98 -3.99
C THR A 6 -29.82 -24.54 -4.33
N VAL A 7 -28.88 -23.63 -4.07
CA VAL A 7 -29.07 -22.24 -4.45
C VAL A 7 -27.89 -21.83 -5.34
N PHE A 8 -28.06 -20.72 -6.05
CA PHE A 8 -27.02 -20.25 -6.95
C PHE A 8 -26.78 -18.76 -6.74
N PHE A 9 -25.53 -18.35 -6.99
CA PHE A 9 -25.14 -16.96 -7.14
C PHE A 9 -24.62 -16.80 -8.56
N ASP A 10 -25.09 -15.77 -9.27
CA ASP A 10 -24.44 -15.31 -10.49
C ASP A 10 -23.49 -14.18 -10.11
N ILE A 11 -22.20 -14.40 -10.30
CA ILE A 11 -21.16 -13.48 -9.84
C ILE A 11 -20.83 -12.50 -10.95
N ALA A 12 -20.63 -11.23 -10.58
CA ALA A 12 -20.23 -10.20 -11.52
C ALA A 12 -18.95 -9.52 -11.03
N VAL A 13 -18.17 -9.06 -12.00
CA VAL A 13 -16.92 -8.34 -11.76
C VAL A 13 -17.09 -6.97 -12.41
N ASP A 14 -17.15 -5.93 -11.58
CA ASP A 14 -17.49 -4.58 -12.04
C ASP A 14 -18.71 -4.59 -12.97
N GLY A 15 -19.72 -5.38 -12.60
CA GLY A 15 -20.94 -5.45 -13.35
C GLY A 15 -20.96 -6.46 -14.48
N GLU A 16 -19.80 -6.98 -14.88
CA GLU A 16 -19.76 -7.92 -16.00
C GLU A 16 -19.87 -9.35 -15.48
N PRO A 17 -20.63 -10.19 -16.17
CA PRO A 17 -20.84 -11.56 -15.68
C PRO A 17 -19.52 -12.32 -15.64
N LEU A 18 -19.29 -13.00 -14.52
CA LEU A 18 -18.14 -13.90 -14.37
C LEU A 18 -18.53 -15.36 -14.49
N GLY A 19 -19.61 -15.76 -13.85
CA GLY A 19 -20.05 -17.14 -13.86
C GLY A 19 -20.95 -17.43 -12.68
N ARG A 20 -21.51 -18.64 -12.70
CA ARG A 20 -22.46 -19.07 -11.69
C ARG A 20 -21.80 -20.02 -10.71
N VAL A 21 -22.06 -19.81 -9.43
CA VAL A 21 -21.68 -20.73 -8.36
C VAL A 21 -22.96 -21.27 -7.74
N SER A 22 -23.06 -22.59 -7.62
CA SER A 22 -24.19 -23.21 -6.94
C SER A 22 -23.71 -23.87 -5.65
N PHE A 23 -24.61 -23.96 -4.68
CA PHE A 23 -24.27 -24.47 -3.35
C PHE A 23 -25.31 -25.48 -2.92
N GLU A 24 -24.84 -26.57 -2.32
CA GLU A 24 -25.71 -27.48 -1.59
C GLU A 24 -25.77 -26.97 -0.16
N LEU A 25 -26.99 -26.78 0.35
CA LEU A 25 -27.18 -26.30 1.72
C LEU A 25 -27.59 -27.48 2.59
N PHE A 26 -26.84 -27.71 3.67
CA PHE A 26 -26.98 -28.93 4.46
C PHE A 26 -28.15 -28.80 5.44
N ALA A 27 -29.35 -28.70 4.88
CA ALA A 27 -30.54 -28.63 5.72
C ALA A 27 -30.73 -29.91 6.54
N ASP A 28 -30.18 -31.04 6.08
CA ASP A 28 -30.31 -32.28 6.83
C ASP A 28 -29.59 -32.22 8.17
N LYS A 29 -28.49 -31.48 8.27
CA LYS A 29 -27.73 -31.42 9.51
C LYS A 29 -27.73 -30.05 10.17
N VAL A 30 -27.96 -28.98 9.43
CA VAL A 30 -27.88 -27.63 9.96
C VAL A 30 -29.11 -26.86 9.47
N PRO A 31 -30.32 -27.29 9.85
CA PRO A 31 -31.52 -26.78 9.16
C PRO A 31 -31.78 -25.29 9.31
N LYS A 32 -31.57 -24.72 10.51
CA LYS A 32 -31.94 -23.32 10.70
C LYS A 32 -30.99 -22.40 9.94
N THR A 33 -29.70 -22.75 9.94
CA THR A 33 -28.70 -21.96 9.23
C THR A 33 -28.84 -22.13 7.72
N ALA A 34 -29.09 -23.35 7.27
CA ALA A 34 -29.32 -23.56 5.83
C ALA A 34 -30.55 -22.82 5.36
N GLU A 35 -31.63 -22.81 6.15
CA GLU A 35 -32.86 -22.14 5.74
C GLU A 35 -32.66 -20.63 5.63
N ASN A 36 -31.91 -20.04 6.56
CA ASN A 36 -31.58 -18.63 6.48
C ASN A 36 -30.92 -18.30 5.15
N PHE A 37 -29.87 -19.07 4.79
CA PHE A 37 -29.15 -18.80 3.56
C PHE A 37 -30.03 -19.02 2.34
N ARG A 38 -30.84 -20.08 2.35
CA ARG A 38 -31.77 -20.33 1.24
C ARG A 38 -32.70 -19.14 1.04
N ALA A 39 -33.35 -18.67 2.13
CA ALA A 39 -34.31 -17.59 2.02
C ALA A 39 -33.65 -16.28 1.61
N LEU A 40 -32.43 -16.01 2.11
CA LEU A 40 -31.72 -14.82 1.70
C LEU A 40 -31.29 -14.90 0.23
N SER A 41 -31.10 -16.11 -0.28
CA SER A 41 -30.77 -16.28 -1.70
C SER A 41 -31.98 -16.11 -2.61
N THR A 42 -33.18 -16.48 -2.15
CA THR A 42 -34.36 -16.25 -2.98
C THR A 42 -34.92 -14.85 -2.81
N GLY A 43 -34.58 -14.16 -1.73
CA GLY A 43 -35.15 -12.87 -1.44
C GLY A 43 -36.59 -12.91 -0.99
N GLU A 44 -37.12 -14.09 -0.65
CA GLU A 44 -38.55 -14.25 -0.44
C GLU A 44 -39.07 -13.49 0.78
N LYS A 45 -38.20 -13.11 1.72
CA LYS A 45 -38.61 -12.32 2.87
C LYS A 45 -38.63 -10.82 2.59
N GLY A 46 -38.22 -10.40 1.38
CA GLY A 46 -38.16 -8.99 1.05
C GLY A 46 -36.78 -8.39 1.13
N PHE A 47 -35.77 -9.18 1.47
CA PHE A 47 -34.40 -8.72 1.51
C PHE A 47 -33.51 -9.93 1.25
N GLY A 48 -32.24 -9.66 1.00
CA GLY A 48 -31.33 -10.79 0.82
C GLY A 48 -30.10 -10.39 0.03
N TYR A 49 -29.45 -11.43 -0.53
CA TYR A 49 -28.10 -11.29 -1.06
C TYR A 49 -28.02 -10.57 -2.40
N LYS A 50 -29.10 -10.53 -3.17
CA LYS A 50 -29.00 -10.00 -4.53
C LYS A 50 -28.48 -8.56 -4.51
N GLY A 51 -27.38 -8.32 -5.23
CA GLY A 51 -26.76 -7.03 -5.31
C GLY A 51 -25.60 -6.81 -4.36
N SER A 52 -25.44 -7.66 -3.35
CA SER A 52 -24.41 -7.44 -2.34
C SER A 52 -23.03 -7.85 -2.86
N CYS A 53 -22.01 -7.49 -2.10
CA CYS A 53 -20.61 -7.53 -2.51
C CYS A 53 -19.85 -8.61 -1.74
N PHE A 54 -18.89 -9.24 -2.40
CA PHE A 54 -17.85 -10.00 -1.70
C PHE A 54 -16.77 -9.00 -1.30
N HIS A 55 -16.84 -8.52 -0.06
CA HIS A 55 -16.01 -7.39 0.36
C HIS A 55 -14.61 -7.79 0.78
N ARG A 56 -14.37 -9.06 1.10
CA ARG A 56 -13.08 -9.51 1.61
C ARG A 56 -12.71 -10.81 0.92
N ILE A 57 -11.67 -10.78 0.09
CA ILE A 57 -11.22 -11.97 -0.63
C ILE A 57 -9.73 -12.10 -0.37
N ILE A 58 -9.33 -13.16 0.33
CA ILE A 58 -7.92 -13.37 0.65
C ILE A 58 -7.45 -14.66 0.00
N PRO A 59 -6.60 -14.58 -1.02
CA PRO A 59 -6.15 -15.79 -1.71
C PRO A 59 -5.52 -16.79 -0.75
N GLY A 60 -5.88 -18.05 -0.94
CA GLY A 60 -5.42 -19.11 -0.07
C GLY A 60 -6.25 -19.32 1.18
N PHE A 61 -7.27 -18.48 1.40
CA PHE A 61 -8.09 -18.63 2.59
C PHE A 61 -9.58 -18.65 2.26
N MET A 62 -10.16 -17.53 1.86
CA MET A 62 -11.61 -17.50 1.71
C MET A 62 -12.07 -16.27 0.95
N CYS A 63 -13.31 -16.37 0.47
CA CYS A 63 -14.06 -15.23 -0.08
C CYS A 63 -15.26 -14.99 0.84
N GLN A 64 -15.37 -13.77 1.38
CA GLN A 64 -16.41 -13.42 2.34
C GLN A 64 -17.32 -12.34 1.77
N GLY A 65 -18.61 -12.49 2.01
CA GLY A 65 -19.59 -11.54 1.54
C GLY A 65 -20.85 -11.56 2.38
N GLY A 66 -21.90 -10.92 1.85
CA GLY A 66 -23.23 -11.04 2.42
C GLY A 66 -23.75 -9.85 3.19
N ASP A 67 -23.06 -8.71 3.20
CA ASP A 67 -23.54 -7.53 3.93
C ASP A 67 -24.45 -6.74 3.01
N PHE A 68 -25.76 -6.96 3.12
CA PHE A 68 -26.74 -6.23 2.33
C PHE A 68 -27.45 -5.13 3.11
N THR A 69 -27.04 -4.87 4.36
CA THR A 69 -27.67 -3.82 5.16
C THR A 69 -26.81 -2.57 5.30
N ARG A 70 -25.53 -2.74 5.63
CA ARG A 70 -24.60 -1.61 5.70
C ARG A 70 -23.74 -1.49 4.46
N HIS A 71 -23.63 -2.56 3.66
CA HIS A 71 -22.92 -2.52 2.38
C HIS A 71 -21.45 -2.17 2.55
N ASN A 72 -20.88 -2.48 3.73
CA ASN A 72 -19.49 -2.12 4.01
C ASN A 72 -18.72 -3.17 4.79
N GLY A 73 -19.29 -4.36 5.01
CA GLY A 73 -18.60 -5.42 5.73
C GLY A 73 -18.88 -5.47 7.21
N THR A 74 -19.69 -4.56 7.75
CA THR A 74 -20.00 -4.58 9.16
C THR A 74 -21.42 -5.04 9.45
N GLY A 75 -22.26 -5.21 8.43
CA GLY A 75 -23.67 -5.40 8.63
C GLY A 75 -24.16 -6.77 8.22
N GLY A 76 -25.45 -6.83 7.92
CA GLY A 76 -26.11 -8.08 7.63
C GLY A 76 -27.22 -8.36 8.63
N LYS A 77 -28.18 -9.19 8.24
CA LYS A 77 -29.22 -9.62 9.15
C LYS A 77 -29.77 -10.94 8.65
N SER A 78 -30.34 -11.71 9.56
CA SER A 78 -30.90 -13.01 9.24
C SER A 78 -32.41 -12.91 9.03
N ILE A 79 -33.00 -14.03 8.61
CA ILE A 79 -34.46 -14.09 8.54
C ILE A 79 -35.12 -14.22 9.91
N TYR A 80 -34.32 -14.36 10.97
CA TYR A 80 -34.82 -14.58 12.32
C TYR A 80 -34.70 -13.34 13.19
N GLY A 81 -34.24 -12.24 12.64
CA GLY A 81 -33.84 -11.08 13.41
C GLY A 81 -32.45 -10.69 13.03
N GLU A 82 -31.89 -9.72 13.74
CA GLU A 82 -30.57 -9.24 13.37
C GLU A 82 -29.52 -10.34 13.48
N LYS A 83 -29.61 -11.16 14.53
CA LYS A 83 -28.64 -12.22 14.78
C LYS A 83 -29.35 -13.49 15.24
N PHE A 84 -28.66 -14.63 15.08
CA PHE A 84 -29.16 -15.89 15.62
C PHE A 84 -28.01 -16.73 16.15
N GLU A 85 -28.36 -17.69 17.00
CA GLU A 85 -27.35 -18.45 17.73
C GLU A 85 -26.63 -19.44 16.81
N ASP A 86 -25.43 -19.83 17.24
CA ASP A 86 -24.70 -20.90 16.58
C ASP A 86 -25.48 -22.21 16.72
N GLU A 87 -25.94 -22.75 15.59
CA GLU A 87 -26.86 -23.89 15.62
C GLU A 87 -26.15 -25.16 16.08
N ASN A 88 -25.04 -25.51 15.43
CA ASN A 88 -24.22 -26.64 15.85
C ASN A 88 -22.86 -26.51 15.18
N PHE A 89 -21.92 -27.33 15.63
CA PHE A 89 -20.59 -27.41 15.03
C PHE A 89 -20.30 -28.81 14.52
N ILE A 90 -21.34 -29.47 13.98
CA ILE A 90 -21.20 -30.84 13.48
C ILE A 90 -20.20 -30.91 12.34
N LEU A 91 -20.28 -29.95 11.40
CA LEU A 91 -19.43 -29.96 10.23
C LEU A 91 -18.22 -29.06 10.42
N LYS A 92 -17.12 -29.42 9.77
CA LYS A 92 -15.84 -28.75 9.95
C LYS A 92 -15.39 -28.10 8.64
N HIS A 93 -14.38 -27.24 8.76
CA HIS A 93 -13.84 -26.52 7.61
C HIS A 93 -12.76 -27.40 6.98
N THR A 94 -13.21 -28.33 6.14
CA THR A 94 -12.35 -29.42 5.72
C THR A 94 -11.59 -29.17 4.43
N GLY A 95 -11.93 -28.12 3.68
CA GLY A 95 -11.26 -27.86 2.42
C GLY A 95 -11.96 -26.86 1.55
N PRO A 96 -11.46 -26.70 0.32
CA PRO A 96 -12.06 -25.73 -0.61
C PRO A 96 -13.54 -26.02 -0.85
N GLY A 97 -14.32 -24.94 -0.93
CA GLY A 97 -15.72 -25.01 -1.27
C GLY A 97 -16.66 -25.01 -0.07
N ILE A 98 -16.13 -25.20 1.14
CA ILE A 98 -16.96 -25.17 2.34
C ILE A 98 -17.60 -23.79 2.51
N LEU A 99 -18.89 -23.78 2.84
CA LEU A 99 -19.68 -22.58 3.04
C LEU A 99 -20.01 -22.48 4.52
N SER A 100 -19.66 -21.35 5.13
CA SER A 100 -19.70 -21.22 6.59
C SER A 100 -20.11 -19.79 6.95
N MET A 101 -20.64 -19.62 8.17
CA MET A 101 -21.13 -18.31 8.58
C MET A 101 -20.01 -17.46 9.16
N ALA A 102 -19.90 -16.22 8.67
CA ALA A 102 -19.08 -15.22 9.33
C ALA A 102 -19.76 -14.75 10.62
N ASN A 103 -18.98 -14.23 11.56
CA ASN A 103 -19.60 -13.75 12.79
C ASN A 103 -18.65 -12.81 13.51
N ALA A 104 -19.13 -12.23 14.59
CA ALA A 104 -18.35 -11.37 15.46
C ALA A 104 -18.27 -11.95 16.87
N GLY A 105 -18.11 -13.26 16.95
CA GLY A 105 -18.10 -13.96 18.22
C GLY A 105 -19.28 -14.87 18.37
N PRO A 106 -19.43 -15.50 19.53
CA PRO A 106 -20.50 -16.50 19.71
C PRO A 106 -21.89 -15.94 19.47
N ASN A 107 -22.69 -16.70 18.73
CA ASN A 107 -24.13 -16.42 18.58
C ASN A 107 -24.40 -15.06 17.95
N THR A 108 -23.64 -14.73 16.90
CA THR A 108 -23.82 -13.48 16.18
C THR A 108 -23.97 -13.71 14.67
N ASN A 109 -24.59 -14.83 14.28
CA ASN A 109 -24.84 -15.08 12.88
C ASN A 109 -25.90 -14.14 12.36
N GLY A 110 -25.67 -13.60 11.16
CA GLY A 110 -26.60 -12.70 10.52
C GLY A 110 -26.83 -13.16 9.10
N SER A 111 -26.17 -12.51 8.16
CA SER A 111 -26.16 -12.94 6.77
C SER A 111 -24.77 -13.13 6.20
N GLN A 112 -23.73 -12.56 6.80
CA GLN A 112 -22.42 -12.71 6.20
C GLN A 112 -21.94 -14.15 6.27
N PHE A 113 -21.26 -14.56 5.22
CA PHE A 113 -20.82 -15.94 5.05
C PHE A 113 -19.45 -15.90 4.38
N PHE A 114 -18.79 -17.05 4.35
CA PHE A 114 -17.56 -17.17 3.59
C PHE A 114 -17.49 -18.51 2.91
N ILE A 115 -16.76 -18.54 1.79
CA ILE A 115 -16.48 -19.74 1.02
C ILE A 115 -14.99 -20.02 1.18
N CYS A 116 -14.66 -21.17 1.75
CA CYS A 116 -13.25 -21.53 1.90
C CYS A 116 -12.64 -21.86 0.54
N THR A 117 -11.38 -21.45 0.36
CA THR A 117 -10.59 -21.89 -0.78
C THR A 117 -9.46 -22.84 -0.36
N ALA A 118 -9.43 -23.20 0.92
CA ALA A 118 -8.44 -24.10 1.48
C ALA A 118 -9.05 -24.64 2.78
N LYS A 119 -8.39 -25.62 3.37
CA LYS A 119 -8.78 -26.08 4.69
C LYS A 119 -8.49 -24.98 5.70
N THR A 120 -9.47 -24.64 6.54
CA THR A 120 -9.30 -23.59 7.57
C THR A 120 -9.71 -24.16 8.93
N GLU A 121 -8.94 -25.15 9.40
CA GLU A 121 -9.37 -25.94 10.54
C GLU A 121 -9.46 -25.12 11.83
N TRP A 122 -8.68 -24.05 11.93
CA TRP A 122 -8.70 -23.21 13.12
C TRP A 122 -10.05 -22.53 13.33
N LEU A 123 -10.93 -22.52 12.32
CA LEU A 123 -12.26 -21.95 12.47
C LEU A 123 -13.29 -22.94 12.99
N ASP A 124 -12.92 -24.23 13.07
CA ASP A 124 -13.82 -25.25 13.59
C ASP A 124 -14.25 -24.92 15.01
N GLY A 125 -15.55 -25.07 15.26
CA GLY A 125 -16.08 -24.81 16.57
C GLY A 125 -16.34 -23.35 16.86
N LYS A 126 -16.02 -22.45 15.92
CA LYS A 126 -16.28 -21.04 16.07
C LYS A 126 -17.14 -20.47 14.95
N HIS A 127 -17.20 -21.11 13.79
CA HIS A 127 -18.07 -20.72 12.70
C HIS A 127 -18.89 -21.92 12.27
N VAL A 128 -20.17 -21.69 12.01
CA VAL A 128 -21.08 -22.78 11.67
C VAL A 128 -20.99 -23.07 10.18
N VAL A 129 -20.50 -24.27 9.86
CA VAL A 129 -20.47 -24.77 8.49
C VAL A 129 -21.86 -25.28 8.13
N PHE A 130 -22.37 -24.90 6.96
CA PHE A 130 -23.74 -25.27 6.62
C PHE A 130 -23.95 -25.60 5.15
N GLY A 131 -22.90 -25.61 4.33
CA GLY A 131 -23.09 -25.92 2.93
C GLY A 131 -21.76 -26.13 2.26
N LYS A 132 -21.83 -26.36 0.95
CA LYS A 132 -20.62 -26.52 0.16
C LYS A 132 -20.91 -26.14 -1.29
N VAL A 133 -19.88 -25.64 -1.97
CA VAL A 133 -20.01 -25.41 -3.40
C VAL A 133 -20.32 -26.72 -4.09
N LYS A 134 -21.33 -26.71 -4.96
CA LYS A 134 -21.72 -27.86 -5.76
C LYS A 134 -21.06 -27.71 -7.13
N GLU A 135 -21.49 -26.70 -7.88
CA GLU A 135 -20.89 -26.41 -9.18
C GLU A 135 -20.28 -25.01 -9.17
N GLY A 136 -19.26 -24.82 -10.01
CA GLY A 136 -18.67 -23.51 -10.16
C GLY A 136 -17.50 -23.21 -9.25
N MET A 137 -16.80 -24.24 -8.74
CA MET A 137 -15.61 -23.95 -7.96
C MET A 137 -14.57 -23.21 -8.79
N ASN A 138 -14.55 -23.42 -10.10
CA ASN A 138 -13.64 -22.65 -10.95
C ASN A 138 -13.98 -21.16 -10.90
N ILE A 139 -15.25 -20.83 -10.71
CA ILE A 139 -15.64 -19.43 -10.59
C ILE A 139 -15.17 -18.84 -9.26
N VAL A 140 -15.27 -19.62 -8.18
CA VAL A 140 -14.72 -19.18 -6.90
C VAL A 140 -13.21 -18.95 -7.03
N GLU A 141 -12.52 -19.87 -7.70
CA GLU A 141 -11.09 -19.71 -7.92
C GLU A 141 -10.80 -18.43 -8.73
N ALA A 142 -11.68 -18.11 -9.67
CA ALA A 142 -11.52 -16.86 -10.43
C ALA A 142 -11.72 -15.65 -9.54
N MET A 143 -12.71 -15.70 -8.63
CA MET A 143 -12.92 -14.60 -7.71
C MET A 143 -11.72 -14.40 -6.80
N GLU A 144 -11.11 -15.50 -6.36
CA GLU A 144 -9.98 -15.44 -5.44
C GLU A 144 -8.85 -14.60 -6.02
N ARG A 145 -8.71 -14.57 -7.34
CA ARG A 145 -7.62 -13.83 -7.97
C ARG A 145 -7.81 -12.33 -7.90
N PHE A 146 -9.02 -11.85 -7.61
CA PHE A 146 -9.26 -10.43 -7.44
C PHE A 146 -8.97 -9.95 -6.03
N GLY A 147 -8.60 -10.86 -5.13
CA GLY A 147 -8.31 -10.52 -3.76
C GLY A 147 -6.88 -10.10 -3.56
N SER A 148 -6.51 -9.96 -2.29
CA SER A 148 -5.18 -9.50 -1.92
C SER A 148 -4.91 -9.94 -0.49
N ARG A 149 -3.70 -9.64 -0.03
N ARG A 149 -3.67 -9.68 -0.04
CA ARG A 149 -3.24 -10.12 1.27
CA ARG A 149 -3.25 -10.13 1.28
C ARG A 149 -4.09 -9.56 2.41
C ARG A 149 -4.18 -9.62 2.38
N ASN A 150 -4.65 -8.38 2.26
CA ASN A 150 -5.50 -7.78 3.28
C ASN A 150 -6.99 -7.88 2.97
N GLY A 151 -7.35 -8.61 1.91
CA GLY A 151 -8.73 -8.85 1.57
C GLY A 151 -9.35 -7.84 0.64
N LYS A 152 -8.73 -6.68 0.43
CA LYS A 152 -9.30 -5.70 -0.48
C LYS A 152 -9.24 -6.23 -1.91
N THR A 153 -10.32 -6.00 -2.66
CA THR A 153 -10.44 -6.53 -4.00
C THR A 153 -10.08 -5.48 -5.03
N SER A 154 -9.43 -5.91 -6.12
CA SER A 154 -8.99 -4.98 -7.16
C SER A 154 -10.11 -4.59 -8.09
N LYS A 155 -11.21 -5.33 -8.10
CA LYS A 155 -12.43 -4.96 -8.80
C LYS A 155 -13.59 -5.37 -7.91
N LYS A 156 -14.76 -4.79 -8.16
CA LYS A 156 -15.90 -5.04 -7.29
C LYS A 156 -16.58 -6.34 -7.68
N ILE A 157 -16.67 -7.27 -6.73
CA ILE A 157 -17.19 -8.61 -6.95
C ILE A 157 -18.57 -8.67 -6.30
N THR A 158 -19.61 -8.85 -7.11
CA THR A 158 -20.98 -8.80 -6.59
C THR A 158 -21.78 -10.04 -6.95
N ILE A 159 -22.87 -10.20 -6.20
CA ILE A 159 -23.89 -11.22 -6.48
C ILE A 159 -24.93 -10.52 -7.35
N ALA A 160 -24.78 -10.68 -8.67
CA ALA A 160 -25.67 -9.97 -9.59
C ALA A 160 -27.06 -10.58 -9.61
N ASP A 161 -27.16 -11.87 -9.35
CA ASP A 161 -28.45 -12.55 -9.26
C ASP A 161 -28.24 -13.75 -8.36
N CYS A 162 -29.34 -14.21 -7.76
CA CYS A 162 -29.26 -15.40 -6.92
C CYS A 162 -30.67 -15.96 -6.77
N GLY A 163 -30.73 -17.23 -6.36
CA GLY A 163 -32.01 -17.88 -6.23
C GLY A 163 -31.82 -19.35 -5.91
N GLN A 164 -32.94 -20.08 -5.95
CA GLN A 164 -32.96 -21.50 -5.64
C GLN A 164 -33.19 -22.31 -6.91
N LEU A 165 -32.44 -23.38 -7.08
CA LEU A 165 -32.60 -24.28 -8.21
C LEU A 165 -33.49 -25.45 -7.83
N GLU A 166 -34.18 -26.01 -8.84
CA GLU A 166 -34.94 -27.23 -8.65
C GLU A 166 -34.01 -28.43 -8.53
N VAL B 3 4.38 41.60 -23.92
CA VAL B 3 3.71 41.11 -22.71
C VAL B 3 3.78 39.58 -22.64
N ASN B 4 4.25 39.07 -21.51
CA ASN B 4 4.34 37.63 -21.32
C ASN B 4 2.95 37.01 -21.47
N PRO B 5 2.81 35.93 -22.24
CA PRO B 5 1.49 35.30 -22.40
C PRO B 5 1.02 34.67 -21.10
N THR B 6 -0.31 34.54 -21.00
CA THR B 6 -0.98 33.87 -19.90
CA THR B 6 -0.94 33.84 -19.91
C THR B 6 -1.80 32.71 -20.45
N VAL B 7 -1.70 31.55 -19.79
CA VAL B 7 -2.49 30.39 -20.18
C VAL B 7 -3.24 29.88 -18.97
N PHE B 8 -4.28 29.08 -19.22
CA PHE B 8 -5.08 28.54 -18.14
C PHE B 8 -5.23 27.04 -18.29
N PHE B 9 -5.36 26.37 -17.16
CA PHE B 9 -5.80 24.98 -17.07
C PHE B 9 -7.06 24.96 -16.23
N ASP B 10 -8.12 24.33 -16.74
CA ASP B 10 -9.26 23.94 -15.92
C ASP B 10 -9.01 22.51 -15.43
N ILE B 11 -8.80 22.37 -14.12
CA ILE B 11 -8.45 21.11 -13.50
C ILE B 11 -9.71 20.36 -13.10
N ALA B 12 -9.73 19.06 -13.34
CA ALA B 12 -10.86 18.21 -12.97
C ALA B 12 -10.39 17.04 -12.10
N VAL B 13 -11.32 16.54 -11.29
CA VAL B 13 -11.09 15.43 -10.38
C VAL B 13 -12.12 14.37 -10.76
N ASP B 14 -11.64 13.25 -11.31
CA ASP B 14 -12.55 12.24 -11.88
C ASP B 14 -13.60 12.88 -12.79
N GLY B 15 -13.17 13.89 -13.56
CA GLY B 15 -14.03 14.55 -14.52
C GLY B 15 -14.84 15.71 -13.99
N GLU B 16 -14.87 15.92 -12.67
CA GLU B 16 -15.66 17.03 -12.14
C GLU B 16 -14.77 18.25 -11.93
N PRO B 17 -15.27 19.45 -12.25
CA PRO B 17 -14.41 20.65 -12.13
C PRO B 17 -13.92 20.85 -10.71
N LEU B 18 -12.61 21.05 -10.59
CA LEU B 18 -12.00 21.47 -9.33
C LEU B 18 -11.82 22.98 -9.29
N GLY B 19 -11.12 23.53 -10.29
CA GLY B 19 -10.94 24.97 -10.40
C GLY B 19 -9.94 25.28 -11.49
N ARG B 20 -9.73 26.56 -11.70
CA ARG B 20 -8.84 27.05 -12.74
C ARG B 20 -7.51 27.48 -12.16
N VAL B 21 -6.42 27.11 -12.84
CA VAL B 21 -5.09 27.63 -12.55
C VAL B 21 -4.63 28.39 -13.79
N SER B 22 -4.16 29.62 -13.60
CA SER B 22 -3.56 30.35 -14.71
C SER B 22 -2.08 30.55 -14.46
N PHE B 23 -1.33 30.71 -15.54
CA PHE B 23 0.13 30.79 -15.49
C PHE B 23 0.60 31.97 -16.31
N GLU B 24 1.59 32.70 -15.81
CA GLU B 24 2.38 33.61 -16.62
C GLU B 24 3.56 32.84 -17.18
N LEU B 25 3.77 32.94 -18.49
CA LEU B 25 4.87 32.25 -19.14
C LEU B 25 5.95 33.27 -19.46
N PHE B 26 7.18 32.99 -19.04
CA PHE B 26 8.27 33.96 -19.10
C PHE B 26 8.91 33.98 -20.49
N ALA B 27 8.11 34.41 -21.47
CA ALA B 27 8.62 34.48 -22.83
C ALA B 27 9.76 35.48 -22.94
N ASP B 28 9.80 36.48 -22.07
CA ASP B 28 10.86 37.48 -22.12
C ASP B 28 12.21 36.92 -21.71
N LYS B 29 12.24 35.82 -20.97
CA LYS B 29 13.50 35.21 -20.53
C LYS B 29 13.75 33.83 -21.11
N VAL B 30 12.71 33.07 -21.39
CA VAL B 30 12.82 31.68 -21.85
C VAL B 30 11.88 31.52 -23.04
N PRO B 31 12.13 32.20 -24.15
CA PRO B 31 11.09 32.26 -25.21
C PRO B 31 10.74 30.93 -25.85
N LYS B 32 11.73 30.08 -26.14
CA LYS B 32 11.43 28.82 -26.82
CA LYS B 32 11.42 28.82 -26.81
C LYS B 32 10.62 27.89 -25.91
N THR B 33 10.97 27.85 -24.63
CA THR B 33 10.29 26.98 -23.69
C THR B 33 8.90 27.49 -23.38
N ALA B 34 8.77 28.82 -23.22
CA ALA B 34 7.46 29.40 -23.01
C ALA B 34 6.56 29.16 -24.22
N GLU B 35 7.10 29.30 -25.43
CA GLU B 35 6.29 29.12 -26.63
C GLU B 35 5.78 27.68 -26.74
N ASN B 36 6.62 26.71 -26.39
CA ASN B 36 6.19 25.32 -26.40
C ASN B 36 5.00 25.11 -25.49
N PHE B 37 5.09 25.57 -24.25
CA PHE B 37 3.99 25.38 -23.30
C PHE B 37 2.74 26.12 -23.76
N ARG B 38 2.91 27.34 -24.30
CA ARG B 38 1.77 28.10 -24.79
C ARG B 38 1.04 27.34 -25.91
N ALA B 39 1.79 26.87 -26.91
CA ALA B 39 1.16 26.18 -28.04
C ALA B 39 0.54 24.85 -27.60
N LEU B 40 1.16 24.15 -26.65
CA LEU B 40 0.56 22.92 -26.17
C LEU B 40 -0.71 23.21 -25.39
N SER B 41 -0.81 24.39 -24.78
CA SER B 41 -2.00 24.76 -24.02
C SER B 41 -3.16 25.13 -24.94
N THR B 42 -2.87 25.76 -26.08
CA THR B 42 -3.96 26.06 -27.01
C THR B 42 -4.31 24.88 -27.90
N GLY B 43 -3.40 23.92 -28.04
CA GLY B 43 -3.60 22.81 -28.95
C GLY B 43 -3.49 23.17 -30.41
N GLU B 44 -2.88 24.32 -30.73
CA GLU B 44 -2.92 24.84 -32.09
C GLU B 44 -2.11 24.01 -33.08
N LYS B 45 -1.19 23.18 -32.60
CA LYS B 45 -0.45 22.30 -33.51
C LYS B 45 -1.17 20.99 -33.79
N GLY B 46 -2.35 20.78 -33.20
CA GLY B 46 -3.09 19.55 -33.37
C GLY B 46 -2.94 18.56 -32.24
N PHE B 47 -2.19 18.91 -31.20
CA PHE B 47 -1.99 18.05 -30.03
C PHE B 47 -1.66 18.97 -28.87
N GLY B 48 -1.71 18.43 -27.65
CA GLY B 48 -1.39 19.26 -26.51
C GLY B 48 -1.97 18.70 -25.23
N TYR B 49 -2.04 19.58 -24.23
CA TYR B 49 -2.30 19.17 -22.86
C TYR B 49 -3.74 18.77 -22.59
N LYS B 50 -4.68 19.21 -23.41
CA LYS B 50 -6.09 19.00 -23.08
C LYS B 50 -6.39 17.51 -22.92
N GLY B 51 -6.93 17.14 -21.77
CA GLY B 51 -7.26 15.77 -21.44
C GLY B 51 -6.18 15.02 -20.68
N SER B 52 -4.97 15.56 -20.60
CA SER B 52 -3.88 14.82 -19.97
C SER B 52 -3.97 14.92 -18.44
N CYS B 53 -3.21 14.05 -17.77
CA CYS B 53 -3.32 13.77 -16.34
CA CYS B 53 -3.37 13.91 -16.33
C CYS B 53 -2.11 14.35 -15.59
N PHE B 54 -2.33 14.77 -14.35
CA PHE B 54 -1.25 15.05 -13.41
C PHE B 54 -1.00 13.70 -12.75
N HIS B 55 -0.04 12.96 -13.31
CA HIS B 55 0.15 11.57 -12.90
C HIS B 55 0.94 11.42 -11.60
N ARG B 56 1.69 12.45 -11.18
CA ARG B 56 2.56 12.32 -10.01
C ARG B 56 2.42 13.58 -9.17
N ILE B 57 1.88 13.43 -7.96
CA ILE B 57 1.66 14.57 -7.06
C ILE B 57 2.22 14.15 -5.72
N ILE B 58 3.27 14.83 -5.27
CA ILE B 58 3.91 14.47 -4.02
C ILE B 58 3.83 15.67 -3.09
N PRO B 59 3.05 15.57 -2.00
CA PRO B 59 2.88 16.72 -1.11
C PRO B 59 4.21 17.21 -0.58
N GLY B 60 4.35 18.53 -0.56
CA GLY B 60 5.57 19.19 -0.13
C GLY B 60 6.58 19.40 -1.23
N PHE B 61 6.32 18.89 -2.44
CA PHE B 61 7.27 19.00 -3.53
C PHE B 61 6.66 19.57 -4.81
N MET B 62 5.80 18.82 -5.49
CA MET B 62 5.34 19.29 -6.80
C MET B 62 4.16 18.48 -7.30
N CYS B 63 3.50 19.06 -8.31
CA CYS B 63 2.50 18.37 -9.13
C CYS B 63 3.05 18.27 -10.55
N GLN B 64 3.19 17.04 -11.05
CA GLN B 64 3.77 16.80 -12.37
C GLN B 64 2.73 16.21 -13.33
N GLY B 65 2.73 16.68 -14.58
CA GLY B 65 1.82 16.16 -15.57
C GLY B 65 2.34 16.40 -16.97
N GLY B 66 1.44 16.24 -17.94
CA GLY B 66 1.74 16.61 -19.31
C GLY B 66 2.03 15.49 -20.29
N ASP B 67 1.84 14.22 -19.92
CA ASP B 67 2.08 13.11 -20.86
C ASP B 67 0.81 12.84 -21.66
N PHE B 68 0.69 13.50 -22.82
CA PHE B 68 -0.45 13.32 -23.70
C PHE B 68 -0.21 12.31 -24.82
N THR B 69 0.97 11.68 -24.87
CA THR B 69 1.25 10.69 -25.92
C THR B 69 1.18 9.24 -25.46
N ARG B 70 1.71 8.93 -24.27
CA ARG B 70 1.64 7.57 -23.75
C ARG B 70 0.63 7.43 -22.62
N HIS B 71 0.23 8.53 -21.98
CA HIS B 71 -0.78 8.51 -20.94
C HIS B 71 -0.36 7.68 -19.73
N ASN B 72 0.96 7.53 -19.52
CA ASN B 72 1.45 6.73 -18.40
C ASN B 72 2.63 7.34 -17.65
N GLY B 73 3.02 8.58 -17.93
CA GLY B 73 4.12 9.24 -17.25
C GLY B 73 5.47 9.05 -17.92
N THR B 74 5.54 8.34 -19.04
CA THR B 74 6.79 8.16 -19.76
C THR B 74 6.88 9.00 -21.02
N GLY B 75 5.77 9.59 -21.46
CA GLY B 75 5.71 10.19 -22.78
C GLY B 75 5.67 11.70 -22.80
N GLY B 76 5.05 12.23 -23.85
CA GLY B 76 5.02 13.64 -24.16
C GLY B 76 5.92 13.98 -25.34
N LYS B 77 5.63 15.13 -25.96
CA LYS B 77 6.45 15.64 -27.05
C LYS B 77 6.27 17.14 -27.13
N SER B 78 7.24 17.82 -27.72
CA SER B 78 7.20 19.26 -27.87
C SER B 78 6.69 19.65 -29.26
N ILE B 79 6.54 20.95 -29.47
CA ILE B 79 6.20 21.47 -30.80
C ILE B 79 7.40 21.51 -31.73
N TYR B 80 8.60 21.19 -31.25
CA TYR B 80 9.81 21.22 -32.05
C TYR B 80 10.29 19.84 -32.46
N GLY B 81 9.55 18.80 -32.14
CA GLY B 81 10.04 17.45 -32.21
C GLY B 81 9.84 16.76 -30.88
N GLU B 82 10.35 15.54 -30.79
CA GLU B 82 10.12 14.77 -29.57
C GLU B 82 10.73 15.45 -28.36
N LYS B 83 11.93 16.01 -28.51
CA LYS B 83 12.64 16.65 -27.42
C LYS B 83 13.31 17.93 -27.89
N PHE B 84 13.59 18.82 -26.95
CA PHE B 84 14.36 20.02 -27.26
C PHE B 84 15.32 20.34 -26.12
N GLU B 85 16.34 21.12 -26.46
CA GLU B 85 17.44 21.37 -25.54
C GLU B 85 17.02 22.29 -24.41
N ASP B 86 17.79 22.23 -23.31
CA ASP B 86 17.60 23.15 -22.20
C ASP B 86 17.98 24.55 -22.66
N GLU B 87 17.01 25.48 -22.59
CA GLU B 87 17.21 26.79 -23.19
C GLU B 87 18.17 27.63 -22.35
N ASN B 88 17.90 27.74 -21.06
CA ASN B 88 18.79 28.42 -20.13
C ASN B 88 18.36 28.01 -18.73
N PHE B 89 19.18 28.39 -17.75
CA PHE B 89 18.86 28.16 -16.35
C PHE B 89 18.83 29.47 -15.57
N ILE B 90 18.33 30.53 -16.22
CA ILE B 90 18.29 31.85 -15.58
C ILE B 90 17.45 31.81 -14.31
N LEU B 91 16.27 31.21 -14.39
CA LEU B 91 15.32 31.25 -13.30
C LEU B 91 15.42 29.99 -12.45
N LYS B 92 15.03 30.12 -11.19
CA LYS B 92 15.22 29.08 -10.20
C LYS B 92 13.90 28.64 -9.61
N HIS B 93 13.94 27.49 -8.93
CA HIS B 93 12.77 26.89 -8.31
C HIS B 93 12.61 27.50 -6.92
N THR B 94 12.11 28.74 -6.90
CA THR B 94 12.21 29.60 -5.73
C THR B 94 11.12 29.34 -4.69
N GLY B 95 10.03 28.69 -5.05
CA GLY B 95 8.96 28.52 -4.11
C GLY B 95 7.68 28.04 -4.79
N PRO B 96 6.59 28.00 -4.03
CA PRO B 96 5.33 27.47 -4.57
C PRO B 96 4.88 28.24 -5.79
N GLY B 97 4.38 27.50 -6.80
CA GLY B 97 3.84 28.10 -8.00
C GLY B 97 4.77 28.16 -9.17
N ILE B 98 6.06 27.86 -8.99
CA ILE B 98 7.00 27.89 -10.11
C ILE B 98 6.68 26.77 -11.08
N LEU B 99 6.72 27.08 -12.38
CA LEU B 99 6.43 26.14 -13.45
C LEU B 99 7.74 25.82 -14.17
N SER B 100 8.02 24.53 -14.32
CA SER B 100 9.33 24.08 -14.77
C SER B 100 9.17 22.82 -15.60
N MET B 101 10.15 22.55 -16.46
CA MET B 101 10.09 21.38 -17.34
C MET B 101 10.59 20.12 -16.64
N ALA B 102 9.81 19.04 -16.74
CA ALA B 102 10.31 17.73 -16.36
C ALA B 102 11.26 17.21 -17.45
N ASN B 103 12.12 16.26 -17.09
CA ASN B 103 13.03 15.75 -18.10
C ASN B 103 13.61 14.42 -17.64
N ALA B 104 14.38 13.79 -18.53
CA ALA B 104 15.07 12.55 -18.25
C ALA B 104 16.57 12.75 -18.41
N GLY B 105 17.06 13.90 -18.00
CA GLY B 105 18.46 14.25 -18.16
C GLY B 105 18.61 15.45 -19.07
N PRO B 106 19.85 15.81 -19.37
CA PRO B 106 20.10 17.01 -20.17
C PRO B 106 19.42 16.99 -21.54
N ASN B 107 18.81 18.11 -21.90
CA ASN B 107 18.29 18.33 -23.25
C ASN B 107 17.24 17.29 -23.65
N THR B 108 16.31 17.01 -22.74
CA THR B 108 15.25 16.04 -23.01
C THR B 108 13.87 16.63 -22.70
N ASN B 109 13.71 17.93 -22.89
CA ASN B 109 12.41 18.56 -22.69
C ASN B 109 11.43 18.12 -23.77
N GLY B 110 10.21 17.79 -23.35
CA GLY B 110 9.18 17.43 -24.29
C GLY B 110 7.93 18.22 -23.98
N SER B 111 6.98 17.59 -23.30
CA SER B 111 5.82 18.31 -22.81
C SER B 111 5.63 18.19 -21.30
N GLN B 112 6.21 17.19 -20.65
CA GLN B 112 5.97 17.04 -19.22
C GLN B 112 6.54 18.22 -18.44
N PHE B 113 5.82 18.64 -17.42
CA PHE B 113 6.15 19.82 -16.64
C PHE B 113 5.78 19.53 -15.20
N PHE B 114 6.18 20.42 -14.31
CA PHE B 114 5.74 20.32 -12.93
C PHE B 114 5.52 21.71 -12.35
N ILE B 115 4.64 21.78 -11.36
CA ILE B 115 4.38 22.99 -10.59
C ILE B 115 4.93 22.74 -9.20
N CYS B 116 5.90 23.55 -8.79
CA CYS B 116 6.42 23.44 -7.44
C CYS B 116 5.36 23.82 -6.42
N THR B 117 5.33 23.10 -5.31
CA THR B 117 4.51 23.47 -4.16
C THR B 117 5.36 23.92 -2.98
N ALA B 118 6.67 23.99 -3.18
CA ALA B 118 7.63 24.47 -2.18
C ALA B 118 8.88 24.84 -2.97
N LYS B 119 9.84 25.42 -2.27
CA LYS B 119 11.14 25.66 -2.87
C LYS B 119 11.83 24.31 -3.13
N THR B 120 12.34 24.12 -4.34
CA THR B 120 13.02 22.87 -4.71
C THR B 120 14.37 23.21 -5.32
N GLU B 121 15.25 23.78 -4.51
CA GLU B 121 16.48 24.38 -5.02
C GLU B 121 17.44 23.36 -5.65
N TRP B 122 17.37 22.08 -5.25
CA TRP B 122 18.27 21.08 -5.82
C TRP B 122 17.98 20.80 -7.29
N LEU B 123 16.85 21.29 -7.82
CA LEU B 123 16.54 21.17 -9.24
C LEU B 123 17.10 22.31 -10.05
N ASP B 124 17.59 23.36 -9.40
CA ASP B 124 18.14 24.51 -10.11
C ASP B 124 19.32 24.07 -10.96
N GLY B 125 19.36 24.56 -12.20
CA GLY B 125 20.41 24.18 -13.11
C GLY B 125 20.19 22.85 -13.81
N LYS B 126 19.11 22.12 -13.47
CA LYS B 126 18.81 20.83 -14.08
C LYS B 126 17.47 20.82 -14.80
N HIS B 127 16.54 21.66 -14.37
CA HIS B 127 15.24 21.78 -15.00
C HIS B 127 15.02 23.24 -15.37
N VAL B 128 14.47 23.48 -16.55
CA VAL B 128 14.29 24.84 -17.05
C VAL B 128 12.99 25.41 -16.49
N VAL B 129 13.12 26.43 -15.67
CA VAL B 129 11.99 27.20 -15.14
C VAL B 129 11.54 28.19 -16.21
N PHE B 130 10.23 28.24 -16.48
CA PHE B 130 9.75 29.09 -17.55
C PHE B 130 8.43 29.78 -17.25
N GLY B 131 7.88 29.65 -16.06
CA GLY B 131 6.65 30.37 -15.75
C GLY B 131 6.32 30.25 -14.29
N LYS B 132 5.15 30.81 -13.93
CA LYS B 132 4.67 30.69 -12.56
C LYS B 132 3.15 30.77 -12.55
N VAL B 133 2.56 30.18 -11.51
CA VAL B 133 1.13 30.34 -11.26
C VAL B 133 0.81 31.82 -11.06
N LYS B 134 -0.18 32.30 -11.80
CA LYS B 134 -0.70 33.66 -11.64
C LYS B 134 -1.88 33.59 -10.66
N GLU B 135 -3.00 33.05 -11.13
CA GLU B 135 -4.14 32.85 -10.25
C GLU B 135 -4.38 31.35 -10.02
N GLY B 136 -4.95 31.03 -8.88
CA GLY B 136 -5.32 29.66 -8.57
C GLY B 136 -4.31 28.87 -7.78
N MET B 137 -3.40 29.53 -7.05
CA MET B 137 -2.56 28.77 -6.13
C MET B 137 -3.38 27.93 -5.17
N ASN B 138 -4.57 28.40 -4.77
CA ASN B 138 -5.43 27.57 -3.91
C ASN B 138 -5.88 26.30 -4.61
N ILE B 139 -6.04 26.34 -5.94
CA ILE B 139 -6.37 25.11 -6.67
C ILE B 139 -5.17 24.17 -6.70
N VAL B 140 -3.96 24.71 -6.85
CA VAL B 140 -2.77 23.86 -6.79
C VAL B 140 -2.66 23.21 -5.42
N GLU B 141 -2.94 23.97 -4.35
CA GLU B 141 -2.88 23.40 -3.01
C GLU B 141 -3.91 22.30 -2.84
N ALA B 142 -5.07 22.42 -3.49
CA ALA B 142 -6.05 21.36 -3.45
C ALA B 142 -5.56 20.13 -4.21
N MET B 143 -4.98 20.33 -5.40
CA MET B 143 -4.41 19.22 -6.15
C MET B 143 -3.40 18.46 -5.30
N GLU B 144 -2.55 19.20 -4.60
CA GLU B 144 -1.52 18.60 -3.76
C GLU B 144 -2.12 17.63 -2.73
N ARG B 145 -3.32 17.92 -2.23
CA ARG B 145 -3.95 17.07 -1.23
C ARG B 145 -4.39 15.72 -1.77
N PHE B 146 -4.43 15.56 -3.09
CA PHE B 146 -4.75 14.27 -3.68
C PHE B 146 -3.51 13.40 -3.85
N GLY B 147 -2.33 13.93 -3.57
CA GLY B 147 -1.10 13.20 -3.76
C GLY B 147 -0.73 12.34 -2.57
N SER B 148 0.46 11.74 -2.67
CA SER B 148 0.94 10.83 -1.65
C SER B 148 2.45 10.73 -1.77
N ARG B 149 3.05 9.98 -0.84
CA ARG B 149 4.50 9.87 -0.76
C ARG B 149 5.11 9.35 -2.07
N ASN B 150 4.43 8.42 -2.73
CA ASN B 150 4.96 7.87 -3.97
C ASN B 150 4.37 8.52 -5.21
N GLY B 151 3.61 9.59 -5.07
CA GLY B 151 3.09 10.34 -6.18
C GLY B 151 1.76 9.87 -6.71
N LYS B 152 1.28 8.70 -6.31
CA LYS B 152 0.01 8.23 -6.82
C LYS B 152 -1.12 9.06 -6.21
N THR B 153 -2.10 9.39 -7.03
CA THR B 153 -3.17 10.28 -6.59
C THR B 153 -4.41 9.49 -6.17
N SER B 154 -5.15 10.04 -5.20
CA SER B 154 -6.29 9.31 -4.65
C SER B 154 -7.51 9.37 -5.56
N LYS B 155 -7.57 10.35 -6.45
CA LYS B 155 -8.52 10.41 -7.56
C LYS B 155 -7.74 10.91 -8.76
N LYS B 156 -8.33 10.77 -9.95
CA LYS B 156 -7.60 11.13 -11.16
C LYS B 156 -7.71 12.62 -11.44
N ILE B 157 -6.56 13.28 -11.54
CA ILE B 157 -6.48 14.73 -11.70
C ILE B 157 -6.10 15.01 -13.14
N THR B 158 -6.95 15.74 -13.86
CA THR B 158 -6.71 15.98 -15.28
C THR B 158 -6.87 17.45 -15.65
N ILE B 159 -6.30 17.79 -16.80
CA ILE B 159 -6.52 19.07 -17.47
C ILE B 159 -7.75 18.92 -18.35
N ALA B 160 -8.92 19.32 -17.85
CA ALA B 160 -10.15 19.13 -18.62
C ALA B 160 -10.26 20.14 -19.75
N ASP B 161 -9.66 21.31 -19.60
CA ASP B 161 -9.62 22.31 -20.65
C ASP B 161 -8.40 23.17 -20.41
N CYS B 162 -7.93 23.81 -21.47
CA CYS B 162 -6.78 24.69 -21.35
C CYS B 162 -6.77 25.60 -22.56
N GLY B 163 -6.05 26.71 -22.43
CA GLY B 163 -5.99 27.66 -23.52
C GLY B 163 -5.20 28.88 -23.12
N GLN B 164 -5.20 29.88 -24.00
CA GLN B 164 -4.49 31.13 -23.78
C GLN B 164 -5.48 32.22 -23.41
N LEU B 165 -5.13 33.04 -22.43
CA LEU B 165 -5.92 34.20 -22.04
C LEU B 165 -5.37 35.45 -22.73
N GLU B 166 -6.19 36.49 -22.74
CA GLU B 166 -5.78 37.74 -23.38
C GLU B 166 -4.87 38.56 -22.47
N SER C 1 6.83 -20.98 14.25
CA SER C 1 7.04 -19.55 14.11
C SER C 1 7.70 -19.22 12.78
N MET C 2 7.68 -17.95 12.39
CA MET C 2 8.27 -17.54 11.14
C MET C 2 9.38 -16.52 11.39
N THR C 3 9.98 -16.07 10.30
CA THR C 3 11.04 -15.08 10.33
CA THR C 3 11.04 -15.08 10.33
C THR C 3 10.75 -14.04 9.26
N GLU C 4 11.08 -12.78 9.56
CA GLU C 4 10.81 -11.66 8.67
C GLU C 4 12.13 -11.14 8.11
N TYR C 5 12.14 -10.81 6.82
CA TYR C 5 13.34 -10.34 6.12
C TYR C 5 13.04 -9.04 5.38
N LYS C 6 13.90 -8.04 5.58
CA LYS C 6 13.77 -6.74 4.92
C LYS C 6 14.69 -6.73 3.69
N LEU C 7 14.08 -6.88 2.51
CA LEU C 7 14.82 -6.88 1.25
C LEU C 7 14.63 -5.56 0.53
N VAL C 8 15.69 -5.09 -0.11
CA VAL C 8 15.67 -3.83 -0.85
C VAL C 8 16.16 -4.12 -2.26
N VAL C 9 15.39 -3.69 -3.27
CA VAL C 9 15.73 -3.89 -4.67
C VAL C 9 16.27 -2.58 -5.22
N VAL C 10 17.51 -2.61 -5.73
CA VAL C 10 18.19 -1.41 -6.20
C VAL C 10 18.78 -1.67 -7.59
N GLY C 11 19.10 -0.59 -8.29
CA GLY C 11 19.66 -0.69 -9.63
C GLY C 11 19.16 0.43 -10.53
N ALA C 12 19.80 0.58 -11.69
CA ALA C 12 19.52 1.70 -12.58
C ALA C 12 18.07 1.71 -13.06
N ASP C 13 17.65 2.87 -13.57
CA ASP C 13 16.29 2.99 -14.07
C ASP C 13 16.04 2.03 -15.23
N GLY C 14 14.86 1.41 -15.21
CA GLY C 14 14.41 0.63 -16.34
C GLY C 14 14.93 -0.78 -16.40
N VAL C 15 15.68 -1.25 -15.40
CA VAL C 15 16.26 -2.59 -15.49
C VAL C 15 15.28 -3.70 -15.17
N GLY C 16 14.13 -3.37 -14.57
CA GLY C 16 13.13 -4.36 -14.21
C GLY C 16 12.98 -4.62 -12.72
N LYS C 17 13.38 -3.67 -11.86
CA LYS C 17 13.21 -3.87 -10.42
C LYS C 17 11.75 -4.08 -10.06
N SER C 18 10.87 -3.23 -10.58
CA SER C 18 9.46 -3.36 -10.26
C SER C 18 8.85 -4.59 -10.91
N ALA C 19 9.20 -4.85 -12.17
CA ALA C 19 8.67 -6.03 -12.84
C ALA C 19 9.06 -7.30 -12.09
N LEU C 20 10.30 -7.39 -11.60
CA LEU C 20 10.71 -8.55 -10.82
C LEU C 20 9.89 -8.66 -9.54
N THR C 21 9.71 -7.54 -8.84
CA THR C 21 8.98 -7.56 -7.59
C THR C 21 7.51 -7.93 -7.82
N ILE C 22 6.90 -7.38 -8.86
CA ILE C 22 5.49 -7.68 -9.13
CA ILE C 22 5.49 -7.67 -9.10
C ILE C 22 5.30 -9.13 -9.53
N GLN C 23 6.26 -9.69 -10.29
CA GLN C 23 6.18 -11.10 -10.63
C GLN C 23 6.25 -11.97 -9.39
N LEU C 24 7.16 -11.65 -8.48
CA LEU C 24 7.26 -12.41 -7.23
C LEU C 24 5.98 -12.29 -6.43
N ILE C 25 5.45 -11.08 -6.29
CA ILE C 25 4.32 -10.83 -5.40
C ILE C 25 3.01 -11.25 -6.05
N GLN C 26 2.79 -10.85 -7.30
CA GLN C 26 1.48 -10.95 -7.93
C GLN C 26 1.45 -11.92 -9.11
N ASN C 27 2.59 -12.50 -9.49
CA ASN C 27 2.64 -13.54 -10.52
C ASN C 27 2.10 -13.07 -11.86
N HIS C 28 2.40 -11.81 -12.22
CA HIS C 28 2.13 -11.33 -13.57
C HIS C 28 3.22 -10.36 -13.99
N PHE C 29 3.36 -10.22 -15.30
CA PHE C 29 4.41 -9.39 -15.88
C PHE C 29 3.80 -8.09 -16.39
N VAL C 30 4.37 -6.97 -15.94
CA VAL C 30 3.91 -5.65 -16.33
C VAL C 30 4.67 -5.24 -17.60
N ASP C 31 3.97 -5.20 -18.73
CA ASP C 31 4.61 -4.82 -19.99
C ASP C 31 4.91 -3.33 -20.04
N GLU C 32 4.06 -2.50 -19.45
CA GLU C 32 4.27 -1.06 -19.51
C GLU C 32 5.25 -0.63 -18.42
N TYR C 33 5.90 0.51 -18.67
CA TYR C 33 6.86 1.10 -17.76
C TYR C 33 6.12 2.15 -16.92
N ASP C 34 5.94 1.85 -15.64
CA ASP C 34 5.42 2.83 -14.67
C ASP C 34 6.58 3.20 -13.75
N PRO C 35 7.24 4.34 -13.97
CA PRO C 35 8.42 4.66 -13.18
C PRO C 35 8.11 4.73 -11.69
N THR C 36 9.02 4.18 -10.89
CA THR C 36 8.85 4.12 -9.45
C THR C 36 9.37 5.38 -8.76
N ILE C 37 8.66 5.80 -7.72
CA ILE C 37 9.22 6.71 -6.73
C ILE C 37 9.67 5.86 -5.55
N GLU C 38 8.74 5.11 -4.96
CA GLU C 38 9.03 4.14 -3.92
C GLU C 38 7.81 3.27 -3.69
N ASP C 39 7.98 1.95 -3.60
CA ASP C 39 6.85 1.08 -3.29
C ASP C 39 7.29 -0.01 -2.32
N SER C 40 6.34 -0.46 -1.51
CA SER C 40 6.62 -1.45 -0.47
C SER C 40 5.62 -2.59 -0.59
N TYR C 41 6.10 -3.81 -0.36
CA TYR C 41 5.27 -5.00 -0.45
C TYR C 41 5.59 -5.94 0.70
N ARG C 42 4.60 -6.73 1.10
CA ARG C 42 4.75 -7.76 2.12
C ARG C 42 4.14 -9.04 1.58
N LYS C 43 4.89 -10.15 1.65
CA LYS C 43 4.38 -11.44 1.17
CA LYS C 43 4.36 -11.43 1.20
C LYS C 43 4.94 -12.55 2.03
N GLN C 44 4.07 -13.48 2.43
CA GLN C 44 4.50 -14.68 3.15
C GLN C 44 4.86 -15.76 2.14
N VAL C 45 6.06 -16.31 2.26
CA VAL C 45 6.52 -17.39 1.40
C VAL C 45 7.08 -18.50 2.29
N VAL C 46 7.24 -19.68 1.69
CA VAL C 46 7.93 -20.80 2.32
C VAL C 46 9.23 -21.00 1.55
N ILE C 47 10.36 -20.97 2.26
CA ILE C 47 11.68 -21.14 1.66
C ILE C 47 12.38 -22.24 2.45
N ASP C 48 12.75 -23.32 1.75
CA ASP C 48 13.44 -24.45 2.38
C ASP C 48 12.67 -24.97 3.60
N GLY C 49 11.35 -25.06 3.45
CA GLY C 49 10.50 -25.58 4.52
C GLY C 49 10.27 -24.64 5.67
N GLU C 50 10.75 -23.39 5.60
CA GLU C 50 10.59 -22.42 6.67
C GLU C 50 9.71 -21.30 6.18
N THR C 51 8.74 -20.89 7.00
CA THR C 51 7.85 -19.81 6.64
C THR C 51 8.53 -18.46 6.86
N CYS C 52 8.50 -17.61 5.85
CA CYS C 52 9.23 -16.36 5.84
C CYS C 52 8.30 -15.24 5.41
N LEU C 53 8.35 -14.14 6.12
CA LEU C 53 7.64 -12.93 5.72
C LEU C 53 8.64 -12.00 5.04
N LEU C 54 8.43 -11.72 3.76
CA LEU C 54 9.31 -10.85 3.01
C LEU C 54 8.73 -9.45 2.99
N ASP C 55 9.48 -8.48 3.49
CA ASP C 55 9.18 -7.06 3.29
C ASP C 55 10.09 -6.60 2.17
N ILE C 56 9.52 -6.15 1.07
CA ILE C 56 10.31 -5.80 -0.10
C ILE C 56 10.11 -4.32 -0.38
N LEU C 57 11.22 -3.58 -0.41
CA LEU C 57 11.22 -2.18 -0.79
C LEU C 57 11.73 -2.06 -2.22
N ASP C 58 10.85 -1.60 -3.11
CA ASP C 58 11.15 -1.40 -4.52
C ASP C 58 11.53 0.06 -4.68
N THR C 59 12.80 0.32 -4.99
CA THR C 59 13.32 1.68 -5.01
C THR C 59 13.38 2.20 -6.45
N ALA C 60 13.51 3.51 -6.57
CA ALA C 60 13.67 4.13 -7.87
C ALA C 60 15.13 4.00 -8.32
N GLY C 61 15.33 3.74 -9.61
CA GLY C 61 16.66 3.81 -10.18
C GLY C 61 17.06 5.26 -10.33
N GLN C 62 17.63 5.82 -9.27
CA GLN C 62 17.84 7.25 -9.15
C GLN C 62 19.30 7.51 -8.80
N GLU C 63 19.91 8.49 -9.47
CA GLU C 63 21.26 8.90 -9.16
C GLU C 63 21.32 10.06 -8.17
N GLU C 64 20.26 10.83 -8.05
CA GLU C 64 20.23 11.91 -7.07
C GLU C 64 19.77 11.37 -5.72
N TYR C 65 19.68 12.27 -4.74
CA TYR C 65 19.06 11.98 -3.45
C TYR C 65 19.79 10.87 -2.68
N SER C 66 21.11 10.89 -2.73
CA SER C 66 21.87 9.85 -2.04
C SER C 66 21.52 9.79 -0.56
N ALA C 67 21.23 10.94 0.06
CA ALA C 67 20.91 10.95 1.48
C ALA C 67 19.62 10.19 1.78
N MET C 68 18.60 10.35 0.93
CA MET C 68 17.36 9.62 1.12
C MET C 68 17.56 8.13 0.86
N ARG C 69 18.35 7.80 -0.16
CA ARG C 69 18.61 6.40 -0.48
C ARG C 69 19.48 5.74 0.60
N ASP C 70 20.33 6.51 1.28
CA ASP C 70 21.12 5.96 2.37
C ASP C 70 20.23 5.37 3.46
N GLN C 71 19.09 5.99 3.73
CA GLN C 71 18.22 5.46 4.78
C GLN C 71 17.69 4.08 4.41
N TYR C 72 17.33 3.85 3.15
CA TYR C 72 16.93 2.52 2.68
CA TYR C 72 16.88 2.50 2.87
C TYR C 72 18.01 1.50 2.93
N MET C 73 19.26 1.91 2.69
CA MET C 73 20.37 1.00 2.85
C MET C 73 20.69 0.73 4.32
N ARG C 74 20.46 1.71 5.20
CA ARG C 74 20.65 1.46 6.63
C ARG C 74 19.65 0.42 7.14
N THR C 75 18.40 0.51 6.70
CA THR C 75 17.34 -0.32 7.24
C THR C 75 17.30 -1.69 6.57
N GLY C 76 17.68 -1.79 5.30
CA GLY C 76 17.54 -3.05 4.59
C GLY C 76 18.52 -4.09 5.12
N GLU C 77 18.08 -5.34 5.14
CA GLU C 77 18.92 -6.44 5.59
C GLU C 77 19.63 -7.10 4.43
N GLY C 78 19.06 -7.06 3.23
CA GLY C 78 19.71 -7.61 2.05
C GLY C 78 19.28 -6.87 0.82
N PHE C 79 20.13 -6.94 -0.20
CA PHE C 79 19.98 -6.10 -1.38
C PHE C 79 20.02 -6.92 -2.65
N LEU C 80 19.01 -6.76 -3.47
CA LEU C 80 19.00 -7.31 -4.82
CA LEU C 80 19.01 -7.30 -4.82
C LEU C 80 19.52 -6.20 -5.75
N CYS C 81 20.72 -6.39 -6.28
N CYS C 81 20.70 -6.41 -6.30
CA CYS C 81 21.35 -5.38 -7.13
CA CYS C 81 21.38 -5.42 -7.14
C CYS C 81 21.13 -5.81 -8.58
C CYS C 81 21.13 -5.82 -8.59
N VAL C 82 20.27 -5.09 -9.28
CA VAL C 82 19.74 -5.49 -10.58
C VAL C 82 20.36 -4.65 -11.67
N PHE C 83 20.82 -5.30 -12.73
CA PHE C 83 21.10 -4.66 -14.01
C PHE C 83 20.30 -5.39 -15.08
N ALA C 84 20.24 -4.82 -16.28
CA ALA C 84 19.62 -5.49 -17.41
C ALA C 84 20.69 -5.97 -18.37
N ILE C 85 20.56 -7.22 -18.83
CA ILE C 85 21.59 -7.80 -19.69
C ILE C 85 21.73 -7.10 -21.04
N ASN C 86 20.79 -6.23 -21.40
CA ASN C 86 20.86 -5.45 -22.62
C ASN C 86 21.10 -3.97 -22.36
N ASN C 87 21.67 -3.62 -21.21
CA ASN C 87 21.92 -2.23 -20.83
C ASN C 87 23.29 -2.21 -20.16
N THR C 88 24.32 -1.90 -20.96
CA THR C 88 25.69 -1.93 -20.43
C THR C 88 25.87 -0.89 -19.32
N LYS C 89 25.25 0.28 -19.47
CA LYS C 89 25.38 1.30 -18.42
C LYS C 89 24.86 0.78 -17.09
N SER C 90 23.75 0.03 -17.10
CA SER C 90 23.21 -0.47 -15.85
C SER C 90 24.17 -1.45 -15.19
N PHE C 91 24.93 -2.21 -15.99
CA PHE C 91 25.95 -3.09 -15.42
C PHE C 91 27.12 -2.30 -14.86
N GLU C 92 27.56 -1.25 -15.58
CA GLU C 92 28.63 -0.41 -15.07
C GLU C 92 28.24 0.33 -13.79
N ASP C 93 26.94 0.53 -13.56
CA ASP C 93 26.49 1.18 -12.35
C ASP C 93 26.60 0.27 -11.12
N ILE C 94 26.68 -1.05 -11.32
CA ILE C 94 26.60 -1.99 -10.20
C ILE C 94 27.63 -1.66 -9.12
N HIS C 95 28.87 -1.40 -9.52
CA HIS C 95 29.90 -1.19 -8.52
C HIS C 95 29.61 0.03 -7.65
N HIS C 96 28.91 1.03 -8.21
CA HIS C 96 28.49 2.18 -7.40
C HIS C 96 27.48 1.78 -6.34
N TYR C 97 26.55 0.89 -6.68
CA TYR C 97 25.60 0.41 -5.67
C TYR C 97 26.31 -0.36 -4.58
N ARG C 98 27.23 -1.25 -4.95
CA ARG C 98 27.96 -1.99 -3.94
C ARG C 98 28.78 -1.05 -3.06
N GLU C 99 29.43 -0.06 -3.65
CA GLU C 99 30.20 0.88 -2.85
C GLU C 99 29.31 1.68 -1.90
N GLN C 100 28.12 2.07 -2.35
CA GLN C 100 27.23 2.83 -1.47
C GLN C 100 26.72 1.97 -0.33
N ILE C 101 26.37 0.71 -0.62
CA ILE C 101 25.88 -0.18 0.42
C ILE C 101 26.95 -0.44 1.47
N LYS C 102 28.19 -0.67 1.03
CA LYS C 102 29.30 -0.88 1.97
C LYS C 102 29.55 0.35 2.81
N ARG C 103 29.47 1.54 2.21
CA ARG C 103 29.67 2.77 2.97
C ARG C 103 28.60 2.94 4.04
N VAL C 104 27.34 2.75 3.66
CA VAL C 104 26.23 2.99 4.57
C VAL C 104 26.23 1.96 5.69
N LYS C 105 26.43 0.68 5.36
CA LYS C 105 26.54 -0.39 6.34
C LYS C 105 27.86 -0.38 7.10
N ASP C 106 28.85 0.38 6.63
CA ASP C 106 30.18 0.40 7.23
C ASP C 106 30.75 -1.02 7.34
N SER C 107 30.64 -1.78 6.26
CA SER C 107 31.05 -3.17 6.30
C SER C 107 31.37 -3.65 4.88
N GLU C 108 32.30 -4.59 4.79
CA GLU C 108 32.57 -5.24 3.51
C GLU C 108 31.76 -6.49 3.28
N ASP C 109 30.95 -6.91 4.26
CA ASP C 109 30.17 -8.15 4.20
C ASP C 109 28.71 -7.80 4.42
N VAL C 110 27.99 -7.56 3.34
CA VAL C 110 26.57 -7.21 3.39
C VAL C 110 25.81 -8.18 2.50
N PRO C 111 24.70 -8.75 2.95
CA PRO C 111 23.95 -9.69 2.10
C PRO C 111 23.44 -9.03 0.83
N MET C 112 23.78 -9.64 -0.30
CA MET C 112 23.57 -9.01 -1.59
C MET C 112 23.59 -10.10 -2.66
N VAL C 113 22.76 -9.94 -3.67
CA VAL C 113 22.73 -10.82 -4.83
C VAL C 113 22.75 -9.96 -6.07
N LEU C 114 23.61 -10.31 -7.03
CA LEU C 114 23.66 -9.63 -8.31
C LEU C 114 22.70 -10.32 -9.28
N VAL C 115 21.83 -9.52 -9.89
CA VAL C 115 20.76 -10.02 -10.75
C VAL C 115 20.92 -9.41 -12.13
N GLY C 116 21.09 -10.27 -13.14
CA GLY C 116 21.07 -9.84 -14.52
C GLY C 116 19.71 -10.12 -15.13
N ASN C 117 18.88 -9.08 -15.22
CA ASN C 117 17.49 -9.24 -15.63
C ASN C 117 17.34 -9.07 -17.16
N LYS C 118 16.15 -9.41 -17.64
CA LYS C 118 15.79 -9.34 -19.07
C LYS C 118 16.53 -10.39 -19.88
N CYS C 119 16.83 -11.54 -19.27
CA CYS C 119 17.59 -12.58 -19.96
C CYS C 119 16.80 -13.25 -21.08
N ASP C 120 15.51 -12.93 -21.23
CA ASP C 120 14.71 -13.42 -22.35
C ASP C 120 14.99 -12.67 -23.65
N LEU C 121 15.66 -11.50 -23.58
CA LEU C 121 15.73 -10.65 -24.76
C LEU C 121 16.95 -10.98 -25.62
N PRO C 122 16.81 -10.86 -26.95
CA PRO C 122 17.89 -11.25 -27.84
C PRO C 122 18.83 -10.10 -28.17
N SER C 123 18.85 -9.09 -27.31
CA SER C 123 19.63 -7.88 -27.52
C SER C 123 20.75 -7.73 -26.49
N ARG C 124 21.27 -8.85 -26.01
CA ARG C 124 22.23 -8.83 -24.92
C ARG C 124 23.47 -8.01 -25.27
N THR C 125 23.93 -7.23 -24.31
CA THR C 125 25.17 -6.50 -24.39
C THR C 125 26.15 -6.81 -23.26
N VAL C 126 25.69 -7.47 -22.19
CA VAL C 126 26.54 -7.83 -21.06
C VAL C 126 26.65 -9.35 -21.03
N ASP C 127 27.88 -9.86 -21.19
CA ASP C 127 28.11 -11.30 -21.19
C ASP C 127 27.88 -11.88 -19.80
N THR C 128 27.29 -13.08 -19.77
CA THR C 128 27.15 -13.81 -18.51
C THR C 128 28.47 -13.93 -17.77
N LYS C 129 29.55 -14.24 -18.48
CA LYS C 129 30.85 -14.41 -17.83
C LYS C 129 31.31 -13.12 -17.14
N GLN C 130 31.05 -11.97 -17.76
CA GLN C 130 31.42 -10.69 -17.16
C GLN C 130 30.75 -10.53 -15.80
N ALA C 131 29.47 -10.86 -15.72
CA ALA C 131 28.73 -10.68 -14.47
C ALA C 131 29.12 -11.74 -13.45
N GLN C 132 29.32 -12.98 -13.90
CA GLN C 132 29.80 -14.02 -12.99
C GLN C 132 31.12 -13.60 -12.35
N ASP C 133 32.06 -13.08 -13.15
CA ASP C 133 33.35 -12.67 -12.61
C ASP C 133 33.21 -11.54 -11.62
N LEU C 134 32.34 -10.57 -11.91
CA LEU C 134 32.12 -9.46 -10.99
C LEU C 134 31.57 -9.96 -9.67
N ALA C 135 30.53 -10.80 -9.72
CA ALA C 135 29.95 -11.31 -8.48
C ALA C 135 30.97 -12.12 -7.69
N ARG C 136 31.78 -12.91 -8.40
CA ARG C 136 32.81 -13.68 -7.72
C ARG C 136 33.81 -12.75 -7.03
N SER C 137 34.15 -11.64 -7.69
CA SER C 137 35.09 -10.68 -7.08
C SER C 137 34.49 -10.06 -5.82
N TYR C 138 33.16 -9.99 -5.73
CA TYR C 138 32.50 -9.46 -4.55
C TYR C 138 32.20 -10.52 -3.50
N GLY C 139 32.30 -11.79 -3.86
CA GLY C 139 31.89 -12.86 -2.96
C GLY C 139 30.39 -12.99 -2.81
N ILE C 140 29.63 -12.66 -3.84
CA ILE C 140 28.16 -12.69 -3.73
C ILE C 140 27.60 -13.56 -4.85
N PRO C 141 26.39 -14.06 -4.68
CA PRO C 141 25.75 -14.85 -5.76
C PRO C 141 25.36 -13.98 -6.94
N PHE C 142 25.29 -14.65 -8.10
CA PHE C 142 24.81 -14.05 -9.34
C PHE C 142 23.73 -14.95 -9.94
N ILE C 143 22.68 -14.32 -10.46
CA ILE C 143 21.63 -15.05 -11.13
C ILE C 143 21.08 -14.21 -12.28
N GLU C 144 20.77 -14.86 -13.40
CA GLU C 144 20.08 -14.21 -14.49
C GLU C 144 18.59 -14.47 -14.36
N THR C 145 17.78 -13.46 -14.66
CA THR C 145 16.36 -13.54 -14.45
C THR C 145 15.62 -12.94 -15.64
N SER C 146 14.35 -13.31 -15.77
CA SER C 146 13.42 -12.63 -16.67
C SER C 146 12.12 -12.43 -15.91
N ALA C 147 11.75 -11.18 -15.67
CA ALA C 147 10.42 -10.89 -15.15
C ALA C 147 9.34 -11.30 -16.16
N LYS C 148 9.69 -11.42 -17.43
CA LYS C 148 8.70 -11.77 -18.44
C LYS C 148 8.40 -13.26 -18.42
N THR C 149 9.43 -14.11 -18.44
CA THR C 149 9.23 -15.55 -18.48
C THR C 149 9.18 -16.18 -17.10
N ARG C 150 9.47 -15.41 -16.05
CA ARG C 150 9.61 -15.81 -14.65
CA ARG C 150 9.57 -15.86 -14.65
C ARG C 150 10.89 -16.60 -14.37
N GLN C 151 11.74 -16.83 -15.36
CA GLN C 151 13.01 -17.50 -15.12
C GLN C 151 13.75 -16.82 -13.97
N GLY C 152 14.09 -17.60 -12.95
CA GLY C 152 14.96 -17.16 -11.90
C GLY C 152 14.36 -16.21 -10.88
N VAL C 153 13.10 -15.81 -11.03
CA VAL C 153 12.55 -14.76 -10.18
C VAL C 153 12.49 -15.20 -8.73
N ASP C 154 11.77 -16.30 -8.44
CA ASP C 154 11.73 -16.82 -7.09
C ASP C 154 13.13 -17.07 -6.56
N ASP C 155 13.98 -17.71 -7.36
CA ASP C 155 15.31 -18.09 -6.92
C ASP C 155 16.15 -16.88 -6.55
N ALA C 156 15.97 -15.76 -7.25
CA ALA C 156 16.74 -14.56 -6.94
C ALA C 156 16.41 -14.06 -5.54
N PHE C 157 15.12 -13.94 -5.22
CA PHE C 157 14.72 -13.48 -3.90
C PHE C 157 15.06 -14.49 -2.83
N TYR C 158 14.86 -15.79 -3.11
CA TYR C 158 15.15 -16.81 -2.12
C TYR C 158 16.64 -16.89 -1.85
N THR C 159 17.47 -16.72 -2.89
CA THR C 159 18.91 -16.69 -2.69
C THR C 159 19.32 -15.54 -1.77
N LEU C 160 18.65 -14.39 -1.91
CA LEU C 160 18.96 -13.28 -1.02
C LEU C 160 18.59 -13.60 0.42
N VAL C 161 17.44 -14.25 0.63
CA VAL C 161 17.08 -14.67 1.99
C VAL C 161 18.14 -15.61 2.55
N ARG C 162 18.62 -16.54 1.74
CA ARG C 162 19.66 -17.45 2.21
C ARG C 162 20.93 -16.70 2.57
N GLU C 163 21.25 -15.65 1.82
CA GLU C 163 22.45 -14.85 2.14
C GLU C 163 22.26 -14.10 3.46
N ILE C 164 21.06 -13.61 3.75
CA ILE C 164 20.82 -12.96 5.03
C ILE C 164 20.98 -13.95 6.17
N ARG C 165 20.39 -15.14 6.01
CA ARG C 165 20.55 -16.20 7.01
C ARG C 165 22.03 -16.50 7.26
N LYS C 166 22.80 -16.68 6.18
CA LYS C 166 24.21 -17.03 6.33
C LYS C 166 24.99 -15.91 7.02
N HIS C 167 24.64 -14.66 6.71
CA HIS C 167 25.28 -13.52 7.36
C HIS C 167 25.01 -13.52 8.85
N LYS C 168 23.76 -13.80 9.24
CA LYS C 168 23.37 -13.75 10.65
C LYS C 168 23.94 -14.90 11.47
N GLU C 169 24.53 -15.91 10.84
CA GLU C 169 25.17 -17.00 11.58
C GLU C 169 26.65 -16.76 11.84
N LYS C 170 27.28 -15.86 11.08
CA LYS C 170 28.67 -15.47 11.34
C LYS C 170 28.76 -14.63 12.61
N SER D 1 19.99 14.81 10.22
CA SER D 1 20.04 13.37 10.51
C SER D 1 18.81 12.67 9.95
N MET D 2 18.90 11.35 9.78
CA MET D 2 17.73 10.55 9.42
C MET D 2 17.82 9.19 10.09
N THR D 3 16.72 8.78 10.71
CA THR D 3 16.56 7.45 11.28
C THR D 3 15.23 6.88 10.78
N GLU D 4 14.92 5.66 11.19
CA GLU D 4 13.70 4.96 10.78
C GLU D 4 13.19 4.13 11.95
N TYR D 5 11.88 4.12 12.17
CA TYR D 5 11.28 3.43 13.30
C TYR D 5 10.10 2.59 12.83
N LYS D 6 10.05 1.36 13.30
N LYS D 6 10.07 1.34 13.27
CA LYS D 6 8.92 0.46 13.02
CA LYS D 6 9.81 -0.84 12.42
CA LYS D 6 8.92 0.47 13.03
C LYS D 6 7.95 0.55 14.19
C LYS D 6 7.97 0.61 14.20
N LEU D 7 6.81 1.20 13.95
CA LEU D 7 5.78 1.38 14.97
C LEU D 7 4.64 0.43 14.68
N VAL D 8 4.09 -0.16 15.73
CA VAL D 8 3.01 -1.12 15.61
C VAL D 8 1.84 -0.64 16.45
N VAL D 9 0.66 -0.55 15.84
CA VAL D 9 -0.53 -0.06 16.51
C VAL D 9 -1.39 -1.28 16.88
N VAL D 10 -1.66 -1.45 18.17
CA VAL D 10 -2.39 -2.60 18.69
C VAL D 10 -3.51 -2.15 19.61
N GLY D 11 -4.45 -3.05 19.83
CA GLY D 11 -5.59 -2.77 20.69
C GLY D 11 -6.83 -3.48 20.20
N ALA D 12 -7.86 -3.46 21.03
CA ALA D 12 -9.08 -4.20 20.76
C ALA D 12 -9.80 -3.65 19.52
N ASP D 13 -10.72 -4.44 19.00
CA ASP D 13 -11.44 -4.03 17.79
C ASP D 13 -12.23 -2.76 18.01
N GLY D 14 -12.20 -1.89 17.00
CA GLY D 14 -13.03 -0.70 16.94
C GLY D 14 -12.61 0.45 17.81
N VAL D 15 -11.40 0.41 18.39
CA VAL D 15 -10.99 1.49 19.28
C VAL D 15 -10.49 2.71 18.53
N GLY D 16 -10.18 2.59 17.25
CA GLY D 16 -9.69 3.69 16.45
C GLY D 16 -8.24 3.57 16.01
N LYS D 17 -7.68 2.38 16.01
CA LYS D 17 -6.29 2.20 15.55
C LYS D 17 -6.13 2.72 14.13
N SER D 18 -7.02 2.30 13.23
CA SER D 18 -6.90 2.73 11.84
C SER D 18 -7.22 4.20 11.68
N ALA D 19 -8.22 4.70 12.40
CA ALA D 19 -8.57 6.11 12.28
C ALA D 19 -7.42 7.00 12.73
N LEU D 20 -6.75 6.62 13.82
CA LEU D 20 -5.57 7.38 14.27
C LEU D 20 -4.49 7.35 13.21
N THR D 21 -4.21 6.16 12.67
CA THR D 21 -3.16 6.03 11.66
C THR D 21 -3.49 6.82 10.40
N ILE D 22 -4.74 6.75 9.95
CA ILE D 22 -5.13 7.45 8.73
C ILE D 22 -5.10 8.95 8.92
N GLN D 23 -5.43 9.44 10.12
CA GLN D 23 -5.24 10.87 10.39
C GLN D 23 -3.78 11.27 10.23
N LEU D 24 -2.87 10.46 10.78
CA LEU D 24 -1.46 10.77 10.68
C LEU D 24 -0.98 10.74 9.23
N ILE D 25 -1.40 9.73 8.47
CA ILE D 25 -0.88 9.52 7.13
C ILE D 25 -1.62 10.36 6.09
N GLN D 26 -2.94 10.44 6.21
CA GLN D 26 -3.78 11.02 5.17
C GLN D 26 -4.54 12.27 5.60
N ASN D 27 -4.44 12.66 6.88
CA ASN D 27 -5.00 13.92 7.35
CA ASN D 27 -5.01 13.92 7.36
C ASN D 27 -6.51 14.01 7.12
N HIS D 28 -7.21 12.91 7.34
CA HIS D 28 -8.67 12.93 7.28
C HIS D 28 -9.21 11.87 8.22
N PHE D 29 -10.45 12.08 8.66
CA PHE D 29 -11.10 11.18 9.59
C PHE D 29 -12.13 10.34 8.84
N VAL D 30 -12.02 9.03 8.99
CA VAL D 30 -12.92 8.08 8.35
C VAL D 30 -14.00 7.72 9.35
N ASP D 31 -15.24 8.14 9.06
CA ASP D 31 -16.35 7.86 9.97
C ASP D 31 -16.91 6.45 9.79
N GLU D 32 -16.78 5.87 8.61
CA GLU D 32 -17.20 4.50 8.39
C GLU D 32 -16.21 3.54 9.04
N TYR D 33 -16.71 2.41 9.51
CA TYR D 33 -15.85 1.38 10.08
C TYR D 33 -15.47 0.40 8.98
N ASP D 34 -14.17 0.33 8.68
CA ASP D 34 -13.64 -0.61 7.70
C ASP D 34 -12.69 -1.52 8.45
N PRO D 35 -13.13 -2.70 8.89
CA PRO D 35 -12.30 -3.54 9.77
C PRO D 35 -10.97 -3.91 9.11
N THR D 36 -9.91 -3.89 9.90
CA THR D 36 -8.57 -4.17 9.39
C THR D 36 -8.27 -5.65 9.40
N ILE D 37 -7.55 -6.10 8.37
CA ILE D 37 -6.83 -7.36 8.38
C ILE D 37 -5.37 -7.04 8.69
N GLU D 38 -4.75 -6.22 7.83
CA GLU D 38 -3.43 -5.66 8.09
C GLU D 38 -3.16 -4.55 7.10
N ASP D 39 -2.59 -3.45 7.56
CA ASP D 39 -2.21 -2.37 6.66
C ASP D 39 -0.89 -1.77 7.12
N SER D 40 -0.12 -1.27 6.16
CA SER D 40 1.19 -0.68 6.44
C SER D 40 1.29 0.68 5.76
N TYR D 41 1.98 1.61 6.42
CA TYR D 41 2.15 2.96 5.91
C TYR D 41 3.55 3.46 6.21
N ARG D 42 4.00 4.44 5.44
CA ARG D 42 5.30 5.08 5.65
C ARG D 42 5.11 6.59 5.59
N LYS D 43 5.78 7.31 6.48
CA LYS D 43 5.67 8.76 6.51
CA LYS D 43 5.68 8.76 6.50
C LYS D 43 6.96 9.37 7.06
N GLN D 44 7.47 10.39 6.38
CA GLN D 44 8.63 11.11 6.87
C GLN D 44 8.17 12.28 7.72
N VAL D 45 8.74 12.39 8.93
CA VAL D 45 8.39 13.43 9.88
C VAL D 45 9.67 13.97 10.50
N VAL D 46 9.55 15.08 11.20
CA VAL D 46 10.64 15.64 11.99
C VAL D 46 10.16 15.71 13.43
N ILE D 47 10.89 15.05 14.32
CA ILE D 47 10.53 14.99 15.74
C ILE D 47 11.73 15.46 16.55
N ASP D 48 11.54 16.51 17.35
CA ASP D 48 12.62 17.09 18.15
C ASP D 48 13.83 17.45 17.28
N GLY D 49 13.57 17.99 16.09
CA GLY D 49 14.61 18.39 15.17
C GLY D 49 15.28 17.26 14.41
N GLU D 50 14.88 16.01 14.65
CA GLU D 50 15.54 14.85 14.07
C GLU D 50 14.59 14.19 13.08
N THR D 51 14.99 14.17 11.80
CA THR D 51 14.13 13.62 10.76
C THR D 51 14.09 12.10 10.87
N CYS D 52 12.92 11.54 10.61
CA CYS D 52 12.83 10.08 10.62
C CYS D 52 11.71 9.62 9.72
N LEU D 53 11.85 8.37 9.26
CA LEU D 53 10.81 7.68 8.53
C LEU D 53 10.07 6.78 9.50
N LEU D 54 8.76 6.93 9.55
CA LEU D 54 7.91 6.06 10.36
C LEU D 54 7.34 4.97 9.47
N ASP D 55 7.62 3.72 9.80
CA ASP D 55 6.96 2.56 9.20
C ASP D 55 5.90 2.12 10.19
N ILE D 56 4.63 2.31 9.84
CA ILE D 56 3.55 2.02 10.77
C ILE D 56 2.81 0.78 10.30
N LEU D 57 2.68 -0.19 11.21
CA LEU D 57 1.92 -1.41 10.97
C LEU D 57 0.63 -1.29 11.76
N ASP D 58 -0.49 -1.26 11.05
CA ASP D 58 -1.81 -1.14 11.64
C ASP D 58 -2.39 -2.56 11.70
N THR D 59 -2.54 -3.09 12.91
CA THR D 59 -2.93 -4.47 13.10
C THR D 59 -4.41 -4.56 13.42
N ALA D 60 -4.94 -5.77 13.31
CA ALA D 60 -6.36 -5.96 13.61
C ALA D 60 -6.53 -6.18 15.11
N GLY D 61 -7.67 -5.72 15.62
CA GLY D 61 -8.04 -5.98 17.00
C GLY D 61 -8.53 -7.40 17.19
N GLN D 62 -7.60 -8.36 17.11
CA GLN D 62 -7.91 -9.78 17.09
C GLN D 62 -7.40 -10.46 18.35
N GLU D 63 -8.12 -11.51 18.75
CA GLU D 63 -7.72 -12.35 19.87
C GLU D 63 -7.44 -13.79 19.47
N GLU D 64 -7.77 -14.18 18.23
CA GLU D 64 -7.66 -15.56 17.79
C GLU D 64 -6.27 -15.91 17.24
N TYR D 65 -5.64 -14.99 16.51
CA TYR D 65 -4.38 -15.29 15.84
C TYR D 65 -3.16 -14.76 16.59
N SER D 66 -3.17 -14.90 17.93
CA SER D 66 -2.08 -14.40 18.74
C SER D 66 -0.73 -14.90 18.28
N ALA D 67 -0.67 -16.15 17.82
CA ALA D 67 0.59 -16.68 17.30
C ALA D 67 1.05 -15.91 16.06
N MET D 68 0.14 -15.68 15.10
CA MET D 68 0.47 -14.84 13.95
C MET D 68 0.80 -13.42 14.39
N ARG D 69 0.12 -12.93 15.41
CA ARG D 69 0.40 -11.58 15.90
C ARG D 69 1.79 -11.45 16.52
N ASP D 70 2.43 -12.56 16.88
CA ASP D 70 3.75 -12.50 17.50
C ASP D 70 4.83 -12.02 16.54
N GLN D 71 4.72 -12.36 15.25
CA GLN D 71 5.75 -11.88 14.31
C GLN D 71 5.72 -10.37 14.16
N TYR D 72 4.51 -9.79 14.12
N TYR D 72 4.53 -9.76 14.19
CA TYR D 72 4.37 -8.34 14.15
CA TYR D 72 4.49 -8.31 14.07
C TYR D 72 5.19 -7.74 15.28
C TYR D 72 4.99 -7.61 15.33
N MET D 73 4.99 -8.29 16.47
CA MET D 73 5.59 -7.72 17.67
CA MET D 73 5.59 -7.72 17.66
C MET D 73 7.10 -7.90 17.66
N ARG D 74 7.58 -9.03 17.12
CA ARG D 74 9.02 -9.27 17.13
C ARG D 74 9.77 -8.17 16.40
N THR D 75 9.29 -7.75 15.25
CA THR D 75 10.04 -6.73 14.52
C THR D 75 9.68 -5.31 14.92
N GLY D 76 8.56 -5.10 15.60
CA GLY D 76 8.19 -3.75 16.01
C GLY D 76 9.16 -3.20 17.05
N GLU D 77 9.49 -1.92 16.90
CA GLU D 77 10.36 -1.25 17.85
C GLU D 77 9.61 -0.52 18.94
N GLY D 78 8.40 -0.04 18.65
CA GLY D 78 7.56 0.59 19.65
C GLY D 78 6.12 0.31 19.33
N PHE D 79 5.30 0.37 20.38
CA PHE D 79 3.91 -0.06 20.29
C PHE D 79 2.99 1.02 20.81
N LEU D 80 2.00 1.37 20.00
CA LEU D 80 0.90 2.21 20.45
CA LEU D 80 0.90 2.21 20.43
C LEU D 80 -0.21 1.28 20.88
N CYS D 81 -0.53 1.29 22.17
CA CYS D 81 -1.54 0.42 22.74
CA CYS D 81 -1.54 0.42 22.74
C CYS D 81 -2.80 1.25 22.95
N VAL D 82 -3.81 1.03 22.11
CA VAL D 82 -4.97 1.89 22.02
C VAL D 82 -6.17 1.24 22.68
N PHE D 83 -6.88 2.01 23.50
CA PHE D 83 -8.23 1.66 23.94
C PHE D 83 -9.13 2.84 23.63
N ALA D 84 -10.44 2.63 23.74
CA ALA D 84 -11.40 3.72 23.55
C ALA D 84 -11.99 4.09 24.90
N ILE D 85 -12.11 5.40 25.15
CA ILE D 85 -12.55 5.87 26.46
C ILE D 85 -14.00 5.52 26.75
N ASN D 86 -14.76 5.06 25.76
CA ASN D 86 -16.14 4.64 25.95
C ASN D 86 -16.32 3.14 25.79
N ASN D 87 -15.25 2.37 25.99
CA ASN D 87 -15.27 0.92 25.83
C ASN D 87 -14.41 0.35 26.95
N THR D 88 -15.06 -0.02 28.07
CA THR D 88 -14.32 -0.53 29.21
C THR D 88 -13.60 -1.83 28.90
N LYS D 89 -14.21 -2.70 28.10
CA LYS D 89 -13.55 -3.94 27.73
C LYS D 89 -12.22 -3.67 27.03
N SER D 90 -12.18 -2.65 26.17
CA SER D 90 -10.94 -2.35 25.45
C SER D 90 -9.85 -1.91 26.41
N PHE D 91 -10.21 -1.22 27.49
CA PHE D 91 -9.25 -0.85 28.52
C PHE D 91 -8.81 -2.07 29.31
N GLU D 92 -9.76 -2.94 29.66
CA GLU D 92 -9.42 -4.18 30.37
C GLU D 92 -8.52 -5.08 29.55
N ASP D 93 -8.53 -4.94 28.22
CA ASP D 93 -7.68 -5.75 27.36
C ASP D 93 -6.23 -5.26 27.32
N ILE D 94 -5.96 -4.03 27.78
CA ILE D 94 -4.62 -3.44 27.61
C ILE D 94 -3.54 -4.33 28.22
N HIS D 95 -3.77 -4.84 29.42
CA HIS D 95 -2.72 -5.61 30.08
C HIS D 95 -2.36 -6.86 29.30
N HIS D 96 -3.32 -7.42 28.54
CA HIS D 96 -3.02 -8.57 27.69
C HIS D 96 -2.07 -8.20 26.56
N TYR D 97 -2.29 -7.05 25.92
CA TYR D 97 -1.40 -6.59 24.88
C TYR D 97 0.00 -6.32 25.43
N ARG D 98 0.09 -5.74 26.63
CA ARG D 98 1.40 -5.49 27.21
C ARG D 98 2.11 -6.80 27.57
N GLU D 99 1.38 -7.76 28.12
CA GLU D 99 2.00 -9.06 28.40
C GLU D 99 2.49 -9.73 27.13
N GLN D 100 1.72 -9.60 26.04
CA GLN D 100 2.13 -10.17 24.76
C GLN D 100 3.39 -9.49 24.23
N ILE D 101 3.42 -8.15 24.28
CA ILE D 101 4.58 -7.41 23.79
C ILE D 101 5.83 -7.80 24.57
N LYS D 102 5.71 -7.86 25.91
CA LYS D 102 6.86 -8.24 26.74
C LYS D 102 7.33 -9.66 26.43
N ARG D 103 6.40 -10.58 26.19
CA ARG D 103 6.77 -11.96 25.89
C ARG D 103 7.54 -12.03 24.58
N VAL D 104 7.03 -11.37 23.54
CA VAL D 104 7.62 -11.50 22.22
C VAL D 104 8.97 -10.78 22.13
N LYS D 105 9.06 -9.58 22.72
CA LYS D 105 10.33 -8.84 22.75
C LYS D 105 11.29 -9.37 23.81
N ASP D 106 10.84 -10.29 24.67
CA ASP D 106 11.69 -10.87 25.72
C ASP D 106 12.29 -9.78 26.60
N SER D 107 11.43 -8.89 27.07
CA SER D 107 11.91 -7.76 27.85
C SER D 107 10.76 -7.15 28.64
N GLU D 108 11.08 -6.63 29.82
CA GLU D 108 10.11 -5.84 30.57
C GLU D 108 10.16 -4.37 30.24
N ASP D 109 11.11 -3.95 29.40
CA ASP D 109 11.29 -2.54 29.04
C ASP D 109 11.17 -2.44 27.52
N VAL D 110 9.94 -2.23 27.04
CA VAL D 110 9.67 -2.12 25.61
C VAL D 110 9.02 -0.77 25.36
N PRO D 111 9.48 0.00 24.38
CA PRO D 111 8.86 1.30 24.10
C PRO D 111 7.39 1.16 23.77
N MET D 112 6.55 1.85 24.54
CA MET D 112 5.12 1.79 24.31
C MET D 112 4.46 3.02 24.91
N VAL D 113 3.32 3.37 24.33
CA VAL D 113 2.50 4.50 24.76
C VAL D 113 1.07 3.99 24.88
N LEU D 114 0.43 4.32 25.99
CA LEU D 114 -0.98 4.00 26.18
C LEU D 114 -1.81 5.15 25.61
N VAL D 115 -2.74 4.81 24.70
CA VAL D 115 -3.55 5.82 24.02
C VAL D 115 -5.01 5.59 24.38
N GLY D 116 -5.64 6.60 24.96
CA GLY D 116 -7.08 6.59 25.19
C GLY D 116 -7.78 7.41 24.13
N ASN D 117 -8.38 6.75 23.15
CA ASN D 117 -8.94 7.38 21.97
C ASN D 117 -10.43 7.64 22.13
N LYS D 118 -10.97 8.45 21.22
CA LYS D 118 -12.39 8.85 21.18
C LYS D 118 -12.74 9.84 22.28
N CYS D 119 -11.79 10.70 22.69
CA CYS D 119 -12.05 11.65 23.77
CA CYS D 119 -12.06 11.65 23.77
C CYS D 119 -13.05 12.73 23.38
N ASP D 120 -13.50 12.77 22.12
CA ASP D 120 -14.52 13.73 21.71
C ASP D 120 -15.92 13.27 22.09
N LEU D 121 -16.11 12.00 22.43
CA LEU D 121 -17.46 11.47 22.61
C LEU D 121 -17.98 11.72 24.03
N PRO D 122 -19.29 11.84 24.19
CA PRO D 122 -19.89 12.13 25.50
C PRO D 122 -20.23 10.90 26.33
N SER D 123 -19.75 9.71 25.95
CA SER D 123 -20.19 8.46 26.55
C SER D 123 -19.06 7.76 27.30
N ARG D 124 -18.18 8.53 27.93
CA ARG D 124 -17.01 7.97 28.59
C ARG D 124 -17.39 6.95 29.66
N THR D 125 -16.67 5.84 29.67
CA THR D 125 -16.76 4.82 30.72
C THR D 125 -15.44 4.58 31.43
N VAL D 126 -14.31 5.02 30.88
CA VAL D 126 -13.01 4.83 31.50
C VAL D 126 -12.50 6.20 31.97
N ASP D 127 -12.23 6.31 33.27
CA ASP D 127 -11.76 7.57 33.83
C ASP D 127 -10.31 7.82 33.46
N THR D 128 -9.99 9.09 33.19
CA THR D 128 -8.61 9.46 32.90
C THR D 128 -7.67 8.99 34.00
N LYS D 129 -8.09 9.15 35.26
CA LYS D 129 -7.24 8.72 36.37
C LYS D 129 -6.95 7.23 36.30
N GLN D 130 -7.95 6.43 35.93
CA GLN D 130 -7.71 4.99 35.82
C GLN D 130 -6.64 4.69 34.78
N ALA D 131 -6.68 5.39 33.65
CA ALA D 131 -5.68 5.18 32.61
C ALA D 131 -4.32 5.73 33.01
N GLN D 132 -4.30 6.91 33.62
CA GLN D 132 -3.03 7.47 34.11
C GLN D 132 -2.39 6.54 35.12
N ASP D 133 -3.19 5.95 36.02
CA ASP D 133 -2.64 5.05 37.02
C ASP D 133 -2.05 3.80 36.38
N LEU D 134 -2.75 3.24 35.38
CA LEU D 134 -2.21 2.07 34.68
C LEU D 134 -0.90 2.41 33.98
N ALA D 135 -0.88 3.53 33.24
CA ALA D 135 0.34 3.94 32.56
C ALA D 135 1.48 4.15 33.56
N ARG D 136 1.18 4.74 34.72
CA ARG D 136 2.23 4.95 35.72
C ARG D 136 2.80 3.62 36.21
N SER D 137 1.92 2.63 36.39
CA SER D 137 2.40 1.33 36.88
C SER D 137 3.27 0.62 35.86
N TYR D 138 3.07 0.90 34.57
CA TYR D 138 3.93 0.38 33.52
C TYR D 138 5.16 1.25 33.28
N GLY D 139 5.18 2.47 33.81
CA GLY D 139 6.25 3.40 33.51
C GLY D 139 6.21 3.92 32.08
N ILE D 140 5.02 4.09 31.51
CA ILE D 140 4.90 4.53 30.12
C ILE D 140 4.00 5.76 30.05
N PRO D 141 4.12 6.55 28.98
CA PRO D 141 3.24 7.71 28.81
C PRO D 141 1.81 7.30 28.50
N PHE D 142 0.88 8.17 28.88
CA PHE D 142 -0.52 8.05 28.53
C PHE D 142 -0.95 9.32 27.79
N ILE D 143 -1.60 9.15 26.65
CA ILE D 143 -2.04 10.25 25.80
C ILE D 143 -3.51 10.03 25.45
N GLU D 144 -4.34 11.05 25.69
CA GLU D 144 -5.72 11.05 25.23
C GLU D 144 -5.80 11.62 23.82
N THR D 145 -6.55 10.95 22.96
CA THR D 145 -6.63 11.34 21.56
C THR D 145 -8.07 11.35 21.07
N SER D 146 -8.30 12.08 19.99
CA SER D 146 -9.50 11.93 19.18
C SER D 146 -9.06 11.89 17.72
N ALA D 147 -9.23 10.74 17.07
CA ALA D 147 -9.02 10.70 15.63
C ALA D 147 -10.00 11.58 14.88
N LYS D 148 -11.18 11.84 15.46
CA LYS D 148 -12.18 12.65 14.78
C LYS D 148 -11.74 14.11 14.71
N THR D 149 -11.30 14.69 15.83
CA THR D 149 -10.90 16.08 15.88
C THR D 149 -9.40 16.27 15.65
N ARG D 150 -8.64 15.18 15.55
CA ARG D 150 -7.18 15.15 15.42
C ARG D 150 -6.45 15.48 16.72
N GLN D 151 -7.16 15.75 17.82
CA GLN D 151 -6.51 16.02 19.09
C GLN D 151 -5.59 14.87 19.49
N GLY D 152 -4.33 15.20 19.77
CA GLY D 152 -3.38 14.24 20.30
C GLY D 152 -2.79 13.26 19.31
N VAL D 153 -3.17 13.31 18.03
CA VAL D 153 -2.73 12.29 17.07
C VAL D 153 -1.22 12.34 16.88
N ASP D 154 -0.70 13.52 16.49
CA ASP D 154 0.75 13.66 16.34
C ASP D 154 1.45 13.37 17.67
N ASP D 155 0.88 13.85 18.77
CA ASP D 155 1.48 13.67 20.08
C ASP D 155 1.68 12.19 20.41
N ALA D 156 0.68 11.36 20.10
CA ALA D 156 0.79 9.94 20.40
C ALA D 156 1.94 9.29 19.64
N PHE D 157 2.00 9.50 18.32
CA PHE D 157 3.05 8.89 17.53
C PHE D 157 4.42 9.48 17.87
N TYR D 158 4.50 10.80 18.04
CA TYR D 158 5.79 11.42 18.33
C TYR D 158 6.31 10.99 19.70
N THR D 159 5.41 10.88 20.67
CA THR D 159 5.81 10.41 21.99
C THR D 159 6.34 8.97 21.92
N LEU D 160 5.74 8.13 21.07
CA LEU D 160 6.25 6.78 20.92
C LEU D 160 7.67 6.79 20.35
N VAL D 161 7.93 7.66 19.37
CA VAL D 161 9.30 7.77 18.85
C VAL D 161 10.25 8.22 19.95
N ARG D 162 9.83 9.17 20.80
CA ARG D 162 10.71 9.58 21.89
C ARG D 162 10.99 8.42 22.83
N GLU D 163 9.98 7.58 23.09
CA GLU D 163 10.19 6.43 23.95
C GLU D 163 11.19 5.47 23.33
N ILE D 164 11.12 5.25 22.01
CA ILE D 164 12.10 4.38 21.36
C ILE D 164 13.49 4.98 21.49
N ARG D 165 13.60 6.29 21.24
CA ARG D 165 14.90 6.92 21.32
C ARG D 165 15.47 6.83 22.73
N LYS D 166 14.62 7.00 23.74
CA LYS D 166 15.08 6.85 25.12
C LYS D 166 15.53 5.43 25.40
N HIS D 167 14.82 4.45 24.87
CA HIS D 167 15.21 3.06 25.09
C HIS D 167 16.55 2.74 24.44
N LYS D 168 16.79 3.26 23.24
CA LYS D 168 18.04 3.02 22.54
C LYS D 168 19.23 3.67 23.24
N GLU D 169 18.99 4.69 24.07
CA GLU D 169 20.08 5.33 24.79
C GLU D 169 20.58 4.47 25.95
N LYS D 170 19.75 3.58 26.48
CA LYS D 170 20.14 2.75 27.61
C LYS D 170 21.29 1.79 27.25
PG GNP E . 12.49 2.48 -12.26
O1G GNP E . 13.85 2.53 -11.62
O2G GNP E . 12.18 3.75 -13.06
O3G GNP E . 11.39 2.23 -11.22
N3B GNP E . 12.48 1.21 -13.39
PB GNP E . 12.46 -0.39 -13.01
O1B GNP E . 13.83 -0.93 -12.77
O2B GNP E . 11.50 -0.69 -11.91
O3A GNP E . 11.92 -1.06 -14.40
PA GNP E . 10.50 -1.73 -14.67
O1A GNP E . 10.29 -2.92 -13.81
O2A GNP E . 9.44 -0.63 -14.56
O5' GNP E . 10.70 -2.21 -16.15
C5' GNP E . 11.08 -1.30 -17.21
C4' GNP E . 10.62 -1.87 -18.54
O4' GNP E . 11.33 -3.09 -18.83
C3' GNP E . 9.14 -2.20 -18.63
O3' GNP E . 8.64 -1.91 -19.94
C2' GNP E . 9.11 -3.71 -18.37
O2' GNP E . 8.01 -4.37 -19.00
C1' GNP E . 10.41 -4.15 -19.02
N9 GNP E . 10.97 -5.37 -18.40
C8 GNP E . 11.28 -5.54 -17.08
N7 GNP E . 11.78 -6.72 -16.83
C5 GNP E . 11.82 -7.36 -18.07
C6 GNP E . 12.28 -8.66 -18.43
O6 GNP E . 12.77 -9.52 -17.69
N1 GNP E . 12.14 -8.90 -19.79
C2 GNP E . 11.62 -8.00 -20.70
N2 GNP E . 11.56 -8.39 -21.97
N3 GNP E . 11.21 -6.77 -20.36
C4 GNP E . 11.33 -6.53 -19.04
MG MG F . 10.36 0.59 -10.76
CL CL G . 14.40 14.59 -9.59
C1 A1AZZ H . 9.84 8.49 -1.54
C10 A1AZZ H . 15.94 15.72 0.76
C11 A1AZZ H . 15.88 16.46 -1.46
C12 A1AZZ H . 14.59 15.71 -1.77
C13 A1AZZ H . 17.18 17.62 0.16
C14 A1AZZ H . 17.04 18.59 1.33
C15 A1AZZ H . 17.07 19.12 -0.09
C16 A1AZZ H . 12.51 11.46 -4.01
C17 A1AZZ H . 12.37 12.24 -5.25
C18 A1AZZ H . 12.23 13.74 -5.39
C19 A1AZZ H . 10.83 14.32 -5.36
C2 A1AZZ H . 10.43 10.75 -1.85
C20 A1AZZ H . 10.07 13.91 -4.11
C21 A1AZZ H . 10.96 15.83 -5.41
C22 A1AZZ H . 10.05 13.86 -6.58
C23 A1AZZ H . 10.09 14.26 -8.97
C24 A1AZZ H . 10.73 15.01 -10.09
C25 A1AZZ H . 10.50 16.50 -9.79
C26 A1AZZ H . 10.91 17.34 -10.97
C27 A1AZZ H . 10.28 16.82 -12.25
C28 A1AZZ H . 11.19 14.84 -13.38
C29 A1AZZ H . 11.39 13.34 -13.36
C3 A1AZZ H . 9.11 11.40 -1.44
C30 A1AZZ H . 12.68 13.00 -12.63
C31 A1AZZ H . 12.70 11.60 -11.99
C32 A1AZZ H . 12.42 11.72 -10.49
C33 A1AZZ H . 11.37 9.47 -10.55
C34 A1AZZ H . 11.66 9.47 -12.06
C35 A1AZZ H . 12.42 10.26 -8.51
C36 A1AZZ H . 12.34 11.41 -7.71
C37 A1AZZ H . 12.42 11.27 -6.34
C38 A1AZZ H . 12.58 9.97 -5.67
C39 A1AZZ H . 12.66 8.86 -6.50
C4 A1AZZ H . 11.51 11.74 -1.62
C40 A1AZZ H . 12.58 9.00 -7.89
C41 A1AZZ H . 12.87 9.05 -3.41
C42 A1AZZ H . 14.41 8.92 -3.31
C43 A1AZZ H . 10.53 12.09 -15.27
C44 A1AZZ H . 10.85 11.58 -16.65
C45 A1AZZ H . 9.71 11.84 -17.63
C46 A1AZZ H . 10.05 11.32 -19.02
C47 A1AZZ H . 10.38 12.53 -19.88
C48 A1AZZ H . 9.73 13.73 -19.21
C49 A1AZZ H . 9.50 13.35 -17.76
C5 A1AZZ H . 12.51 12.09 -2.66
C50 A1AZZ H . 10.27 9.19 -16.11
C51 A1AZZ H . 11.14 7.93 -15.95
C52 A1AZZ H . 12.58 8.35 -16.19
C53 A1AZZ H . 13.59 7.70 -15.25
C54 A1AZZ H . 14.92 7.80 -16.00
C55 A1AZZ H . 13.06 7.97 -17.58
C56 A1AZZ H . 15.24 7.31 -18.44
C57 A1AZZ H . 16.65 6.85 -18.19
C58 A1AZZ H . 16.77 5.31 -18.09
C59 A1AZZ H . 16.22 4.64 -19.34
C6 A1AZZ H . 13.46 13.08 -2.35
C60 A1AZZ H . 16.63 3.18 -19.37
C61 A1AZZ H . 17.35 4.19 -20.24
C62 A1AZZ H . 17.86 8.69 -19.14
C63 A1AZZ H . 12.53 9.87 -16.04
C7 A1AZZ H . 13.44 13.66 -1.08
C8 A1AZZ H . 12.47 13.30 -0.16
C9 A1AZZ H . 14.65 14.92 0.66
F1 A1AZZ H . 14.96 10.03 -2.84
F2 A1AZZ H . 14.98 8.68 -4.47
F3 A1AZZ H . 14.75 7.96 -2.48
N1 A1AZZ H . 11.55 12.35 -0.42
N10 A1AZZ H . 14.48 7.67 -17.40
N11 A1AZZ H . 17.53 7.26 -19.30
N2 A1AZZ H . 14.31 14.71 -0.75
N3 A1AZZ H . 15.90 16.92 -0.07
N4 A1AZZ H . 10.57 15.39 -12.34
N5 A1AZZ H . 10.12 14.59 -11.35
N6 A1AZZ H . 12.35 10.35 -9.91
N7 A1AZZ H . 12.62 10.13 -4.34
N8 A1AZZ H . 11.51 12.80 -14.71
N9 A1AZZ H . 11.23 10.15 -16.70
O1 A1AZZ H . 10.66 9.57 -1.08
O2 A1AZZ H . 10.71 14.40 -7.71
O3 A1AZZ H . 9.11 13.56 -9.08
O4 A1AZZ H . 11.59 15.50 -14.32
O5 A1AZZ H . 11.70 10.79 -12.61
O6 A1AZZ H . 9.46 11.85 -14.71
O7 A1AZZ H . 14.78 7.33 -19.58
PG GNP I . -10.12 -2.95 13.86
O1G GNP I . -9.23 -2.68 12.69
O2G GNP I . -9.41 -3.58 15.05
O3G GNP I . -11.32 -3.82 13.39
N3B GNP I . -10.79 -1.48 14.37
PB GNP I . -9.92 -0.12 14.65
O1B GNP I . -9.33 -0.08 16.02
O2B GNP I . -8.97 0.14 13.51
O3A GNP I . -11.07 1.05 14.63
PA GNP I . -11.35 2.08 13.46
O1A GNP I . -10.25 3.07 13.36
O2A GNP I . -11.76 1.33 12.20
O5' GNP I . -12.56 2.86 14.09
C5' GNP I . -13.79 2.18 14.43
C4' GNP I . -14.94 3.17 14.41
O4' GNP I . -14.73 4.17 15.43
C3' GNP I . -15.16 3.92 13.10
O3' GNP I . -16.54 4.11 12.86
C2' GNP I . -14.45 5.26 13.37
O2' GNP I . -15.00 6.34 12.61
C1' GNP I . -14.75 5.45 14.85
N9 GNP I . -13.71 6.24 15.52
C8 GNP I . -12.37 6.00 15.55
N7 GNP I . -11.70 6.89 16.25
C5 GNP I . -12.67 7.78 16.69
C6 GNP I . -12.56 8.97 17.50
O6 GNP I . -11.55 9.46 17.97
N1 GNP I . -13.80 9.55 17.71
C2 GNP I . -14.99 9.09 17.23
N2 GNP I . -16.08 9.80 17.53
N3 GNP I . -15.11 7.99 16.48
C4 GNP I . -13.91 7.39 16.25
MG MG J . -8.42 -1.03 11.98
CL CL K . -11.05 -15.20 12.04
C1 A1AZZ L . -2.29 -10.29 7.12
C10 A1AZZ L . -1.38 -19.34 10.40
C11 A1AZZ L . -3.63 -19.40 11.01
C12 A1AZZ L . -4.02 -18.17 10.19
C13 A1AZZ L . -2.34 -21.39 11.12
C14 A1AZZ L . -2.93 -22.60 10.39
C15 A1AZZ L . -1.43 -22.34 10.35
C16 A1AZZ L . -5.23 -13.22 9.61
C17 A1AZZ L . -6.68 -13.59 9.58
C18 A1AZZ L . -7.29 -14.89 9.10
C19 A1AZZ L . -7.70 -14.94 7.63
C2 A1AZZ L . -3.37 -12.40 7.29
C20 A1AZZ L . -6.55 -14.65 6.66
C21 A1AZZ L . -8.22 -16.36 7.35
C22 A1AZZ L . -8.84 -13.97 7.34
C23 A1AZZ L . -11.20 -13.77 7.96
C24 A1AZZ L . -12.34 -14.41 8.66
C25 A1AZZ L . -12.60 -15.77 8.00
C26 A1AZZ L . -13.88 -16.36 8.56
C27 A1AZZ L . -15.02 -15.36 8.41
C28 A1AZZ L . -15.28 -13.54 10.02
C29 A1AZZ L . -14.74 -12.25 10.59
C3 A1AZZ L . -3.47 -12.59 5.79
C30 A1AZZ L . -13.72 -12.54 11.70
C31 A1AZZ L . -12.64 -11.46 11.87
C32 A1AZZ L . -11.39 -11.81 11.09
C33 A1AZZ L . -10.93 -9.41 10.90
C34 A1AZZ L . -12.24 -9.18 11.67
C35 A1AZZ L . -9.07 -11.00 11.00
C36 A1AZZ L . -8.70 -12.20 10.42
C37 A1AZZ L . -7.36 -12.44 10.18
C38 A1AZZ L . -6.32 -11.46 10.50
C39 A1AZZ L . -6.73 -10.27 11.08
C4 A1AZZ L . -3.27 -13.72 7.96
C40 A1AZZ L . -8.09 -10.04 11.32
C41 A1AZZ L . -3.86 -11.25 10.39
C42 A1AZZ L . -3.42 -11.65 11.80
C43 A1AZZ L . -16.31 -10.36 10.56
C44 A1AZZ L . -17.38 -9.65 11.36
C45 A1AZZ L . -18.57 -9.34 10.47
C46 A1AZZ L . -19.65 -8.56 11.23
C47 A1AZZ L . -20.81 -9.53 11.49
C48 A1AZZ L . -20.61 -10.74 10.59
C49 A1AZZ L . -19.23 -10.62 9.97
C5 A1AZZ L . -4.15 -14.12 9.10
C50 A1AZZ L . -16.21 -7.41 11.27
C51 A1AZZ L . -15.54 -6.52 12.33
C52 A1AZZ L . -15.63 -7.30 13.65
C53 A1AZZ L . -14.42 -7.21 14.57
C54 A1AZZ L . -14.98 -7.58 15.95
C55 A1AZZ L . -16.75 -6.74 14.52
C56 A1AZZ L . -17.05 -6.55 16.93
C57 A1AZZ L . -16.50 -6.57 18.33
C58 A1AZZ L . -15.86 -5.23 18.72
C59 A1AZZ L . -16.82 -4.05 18.52
C6 A1AZZ L . -3.99 -15.40 9.64
C60 A1AZZ L . -17.45 -3.61 19.84
C61 A1AZZ L . -16.28 -2.82 19.26
C62 A1AZZ L . -18.06 -8.23 19.15
C63 A1AZZ L . -15.95 -8.73 13.20
C7 A1AZZ L . -2.99 -16.22 9.14
C8 A1AZZ L . -2.19 -15.80 8.08
C9 A1AZZ L . -1.54 -18.16 9.46
F1 A1AZZ L . -3.27 -12.96 11.90
F2 A1AZZ L . -4.30 -11.30 12.71
F3 A1AZZ L . -2.28 -11.07 12.10
N1 A1AZZ L . -2.32 -14.58 7.53
N10 A1AZZ L . -16.29 -6.95 15.90
N11 A1AZZ L . -17.61 -6.83 19.27
N2 A1AZZ L . -2.84 -17.51 9.66
N3 A1AZZ L . -2.58 -20.17 10.35
N4 A1AZZ L . -14.60 -14.11 9.03
N5 A1AZZ L . -13.49 -13.51 8.55
N6 A1AZZ L . -10.43 -10.72 11.28
N7 A1AZZ L . -5.11 -11.97 10.14
N8 A1AZZ L . -15.82 -11.45 11.14
N9 A1AZZ L . -16.87 -8.45 12.09
O1 A1AZZ L . -2.20 -11.63 7.63
O2 A1AZZ L . -9.93 -14.38 8.16
O3 A1AZZ L . -11.28 -12.82 7.20
O4 A1AZZ L . -16.29 -14.03 10.49
O5 A1AZZ L . -13.18 -10.24 11.41
O6 A1AZZ L . -15.92 -9.98 9.46
O7 A1AZZ L . -18.20 -6.15 16.74
#